data_7C49
#
_entry.id   7C49
#
_cell.length_a   81.787
_cell.length_b   81.787
_cell.length_c   164.866
_cell.angle_alpha   90.000
_cell.angle_beta   90.000
_cell.angle_gamma   90.000
#
_symmetry.space_group_name_H-M   'P 41'
#
loop_
_entity.id
_entity.type
_entity.pdbx_description
1 polymer 'Amine oxidase'
2 non-polymer 'FLAVIN-ADENINE DINUCLEOTIDE'
3 non-polymer 5-[(2S)-1-methylpyrrolidin-2-yl]pyridin-2-ol
4 water water
#
_entity_poly.entity_id   1
_entity_poly.type   'polypeptide(L)'
_entity_poly.pdbx_seq_one_letter_code
;AVVTAGVAGLGAIDAASATQKTNRASTVKGGFDYDVVVVGGGFAGATAARECGLQGYRTLLLEARSRLGGRTFTSRFAGQ
EIEFGGAWVHWLQPHVWAEMQRYGLGVVEDPLTNLDKTLIMYNDGSVESISPDEFGKNIRIAFEKLCHDAWEVFPRPHEP
MFTERARELDKSSVLDRIKTLGLSRLQQAQINSYMALYAGETTDKFGLPGVLKLFACGGWNYDAFMDTETHYRIQGGTIG
LINAMLTDSGAEVRMSVPVTAVEQVNGGVKIKTDDDEIITAGVVVMTVPLNTYKHIGFTPALSKGKQRFIKEGQLSKGAK
LYVHVKQNLGRVFAFADEQQPLNWVQTHDYSDELGTILSITIARKETIDVNDRDAVTREVQKMFPGVEVLGTAAYDWTAD
PFSLGAWAAYGVGQLSRLKDLQAAEGRILFAGAETSNGWHANIDGAVESGLRAGREVKQLLSLEHHHHHH
;
_entity_poly.pdbx_strand_id   A,B
#
# COMPACT_ATOMS: atom_id res chain seq x y z
N LYS A 29 26.62 23.10 2.62
CA LYS A 29 26.10 23.94 1.49
C LYS A 29 26.10 25.46 1.79
N GLY A 30 25.89 25.83 3.06
CA GLY A 30 25.99 27.21 3.54
C GLY A 30 26.77 27.36 4.85
N GLY A 31 27.80 26.50 5.03
CA GLY A 31 28.66 26.50 6.20
C GLY A 31 28.10 25.89 7.49
N PHE A 32 26.93 25.22 7.40
CA PHE A 32 26.31 24.64 8.57
C PHE A 32 26.98 23.30 8.91
N ASP A 33 26.80 22.84 10.16
CA ASP A 33 27.30 21.53 10.59
C ASP A 33 26.71 20.39 9.74
N TYR A 34 25.40 20.47 9.49
CA TYR A 34 24.69 19.47 8.71
C TYR A 34 23.79 20.13 7.66
N ASP A 35 23.49 19.38 6.61
CA ASP A 35 22.49 19.79 5.65
C ASP A 35 21.10 19.71 6.30
N VAL A 36 20.83 18.59 6.97
CA VAL A 36 19.54 18.35 7.57
C VAL A 36 19.69 17.62 8.87
N VAL A 37 18.95 18.10 9.87
CA VAL A 37 18.77 17.41 11.12
C VAL A 37 17.33 16.90 11.28
N VAL A 38 17.19 15.61 11.56
CA VAL A 38 15.93 14.95 11.85
C VAL A 38 15.86 14.75 13.38
N VAL A 39 14.77 15.21 13.99
CA VAL A 39 14.58 15.08 15.44
C VAL A 39 13.57 13.97 15.67
N GLY A 40 14.04 12.88 16.29
CA GLY A 40 13.24 11.73 16.61
C GLY A 40 13.63 10.52 15.76
N GLY A 41 13.88 9.39 16.44
CA GLY A 41 14.16 8.11 15.83
C GLY A 41 13.06 7.06 15.93
N GLY A 42 11.80 7.50 15.77
CA GLY A 42 10.69 6.60 15.52
C GLY A 42 10.70 6.33 14.04
N PHE A 43 9.62 5.74 13.52
CA PHE A 43 9.51 5.45 12.10
C PHE A 43 9.44 6.69 11.19
N ALA A 44 8.78 7.76 11.68
CA ALA A 44 8.73 9.00 10.91
C ALA A 44 10.14 9.53 10.69
N GLY A 45 10.92 9.57 11.77
CA GLY A 45 12.30 10.01 11.74
C GLY A 45 13.25 9.12 10.99
N ALA A 46 13.14 7.80 11.16
CA ALA A 46 14.02 6.86 10.49
C ALA A 46 13.83 6.93 8.99
N THR A 47 12.56 7.03 8.58
CA THR A 47 12.21 7.16 7.19
C THR A 47 12.75 8.43 6.57
N ALA A 48 12.59 9.56 7.27
CA ALA A 48 13.06 10.85 6.78
C ALA A 48 14.58 10.86 6.65
N ALA A 49 15.27 10.34 7.67
CA ALA A 49 16.73 10.24 7.64
C ALA A 49 17.22 9.39 6.48
N ARG A 50 16.50 8.28 6.22
CA ARG A 50 16.82 7.40 5.10
C ARG A 50 16.67 8.13 3.76
N GLU A 51 15.56 8.86 3.59
CA GLU A 51 15.29 9.57 2.35
C GLU A 51 16.38 10.62 2.11
N CYS A 52 16.75 11.35 3.16
CA CYS A 52 17.74 12.42 3.08
C CYS A 52 19.18 11.91 2.95
N GLY A 53 19.50 10.85 3.70
CA GLY A 53 20.81 10.23 3.63
C GLY A 53 21.16 9.73 2.25
N LEU A 54 20.19 9.08 1.59
CA LEU A 54 20.38 8.52 0.26
C LEU A 54 20.46 9.56 -0.86
N GLN A 55 19.99 10.79 -0.60
CA GLN A 55 20.17 11.92 -1.53
C GLN A 55 21.60 12.45 -1.49
N GLY A 56 22.39 12.01 -0.50
CA GLY A 56 23.73 12.52 -0.31
C GLY A 56 23.79 13.75 0.60
N TYR A 57 22.68 14.09 1.26
CA TYR A 57 22.74 15.17 2.24
C TYR A 57 23.52 14.71 3.48
N ARG A 58 24.29 15.65 4.06
CA ARG A 58 24.91 15.44 5.36
C ARG A 58 23.76 15.48 6.37
N THR A 59 23.42 14.31 6.88
CA THR A 59 22.23 14.07 7.67
C THR A 59 22.57 13.64 9.07
N LEU A 60 21.94 14.30 10.05
CA LEU A 60 22.01 13.94 11.45
C LEU A 60 20.62 13.58 11.96
N LEU A 61 20.54 12.50 12.74
CA LEU A 61 19.31 12.16 13.49
C LEU A 61 19.61 12.23 14.98
N LEU A 62 18.83 13.04 15.71
CA LEU A 62 18.88 13.17 17.16
C LEU A 62 17.70 12.51 17.85
N GLU A 63 18.00 11.65 18.82
CA GLU A 63 17.00 10.91 19.54
C GLU A 63 17.22 11.18 21.00
N ALA A 64 16.15 11.57 21.69
CA ALA A 64 16.16 11.90 23.12
C ALA A 64 16.43 10.70 24.01
N ARG A 65 15.79 9.58 23.69
CA ARG A 65 15.91 8.37 24.50
C ARG A 65 17.22 7.68 24.16
N SER A 66 17.61 6.70 24.98
CA SER A 66 18.81 5.88 24.78
C SER A 66 18.55 4.68 23.83
N ARG A 67 17.32 4.55 23.35
CA ARG A 67 16.93 3.53 22.41
C ARG A 67 16.14 4.15 21.26
N LEU A 68 16.07 3.42 20.14
CA LEU A 68 15.32 3.83 18.96
C LEU A 68 13.93 3.22 18.99
N GLY A 69 13.05 3.69 18.09
CA GLY A 69 11.71 3.14 17.90
C GLY A 69 10.54 4.06 18.24
N GLY A 70 10.77 4.97 19.18
CA GLY A 70 9.74 5.84 19.69
C GLY A 70 8.59 5.08 20.32
N ARG A 71 7.41 5.19 19.71
CA ARG A 71 6.22 4.52 20.17
C ARG A 71 6.11 3.09 19.66
N THR A 72 7.21 2.59 19.07
CA THR A 72 7.45 1.17 18.90
C THR A 72 8.65 0.84 19.78
N PHE A 73 8.64 -0.34 20.39
CA PHE A 73 9.72 -0.77 21.26
C PHE A 73 9.71 -2.27 21.35
N THR A 74 10.73 -2.89 20.75
CA THR A 74 10.96 -4.33 20.78
C THR A 74 11.74 -4.69 22.05
N SER A 75 11.17 -5.57 22.87
CA SER A 75 11.80 -5.96 24.11
C SER A 75 11.62 -7.46 24.34
N ARG A 76 11.72 -7.88 25.61
CA ARG A 76 11.66 -9.29 25.99
C ARG A 76 10.91 -9.49 27.30
N PHE A 77 10.15 -10.58 27.40
CA PHE A 77 9.39 -10.93 28.58
C PHE A 77 9.15 -12.44 28.59
N ALA A 78 9.36 -13.06 29.77
CA ALA A 78 9.20 -14.49 29.96
C ALA A 78 9.91 -15.33 28.89
N GLY A 79 11.10 -14.89 28.47
CA GLY A 79 11.93 -15.57 27.49
C GLY A 79 11.55 -15.42 26.02
N GLN A 80 10.71 -14.43 25.71
CA GLN A 80 10.18 -14.25 24.36
C GLN A 80 10.23 -12.78 23.95
N GLU A 81 10.37 -12.52 22.64
CA GLU A 81 10.33 -11.18 22.08
C GLU A 81 8.90 -10.62 22.14
N ILE A 82 8.77 -9.37 22.59
CA ILE A 82 7.49 -8.68 22.71
C ILE A 82 7.57 -7.29 22.13
N GLU A 83 6.41 -6.70 21.90
CA GLU A 83 6.33 -5.35 21.38
C GLU A 83 5.53 -4.50 22.36
N PHE A 84 6.14 -3.45 22.89
CA PHE A 84 5.50 -2.60 23.91
C PHE A 84 4.62 -1.51 23.30
N GLY A 85 4.84 -1.22 22.01
CA GLY A 85 4.10 -0.20 21.31
C GLY A 85 3.55 -0.70 20.01
N GLY A 86 3.62 0.13 18.97
CA GLY A 86 3.32 -0.28 17.62
C GLY A 86 3.99 -1.58 17.22
N ALA A 87 3.24 -2.47 16.58
CA ALA A 87 3.74 -3.80 16.22
C ALA A 87 3.23 -4.36 14.89
N TRP A 88 2.04 -3.92 14.47
CA TRP A 88 1.27 -4.64 13.45
C TRP A 88 1.25 -3.89 12.11
N VAL A 89 1.34 -4.66 11.02
CA VAL A 89 1.42 -4.16 9.66
C VAL A 89 0.56 -5.01 8.73
N HIS A 90 0.37 -4.55 7.51
CA HIS A 90 -0.45 -5.24 6.53
C HIS A 90 -0.14 -4.69 5.16
N TRP A 91 -0.38 -5.50 4.12
CA TRP A 91 -0.14 -5.10 2.73
C TRP A 91 -1.13 -4.05 2.22
N LEU A 92 -2.24 -3.86 2.93
CA LEU A 92 -3.21 -2.81 2.61
C LEU A 92 -2.75 -1.45 3.14
N GLN A 93 -1.60 -1.45 3.85
CA GLN A 93 -0.94 -0.24 4.36
C GLN A 93 0.26 0.04 3.45
N PRO A 94 0.12 0.97 2.48
CA PRO A 94 1.03 1.01 1.34
C PRO A 94 2.49 1.37 1.66
N HIS A 95 2.71 2.32 2.56
CA HIS A 95 4.06 2.84 2.83
C HIS A 95 4.97 1.82 3.55
N VAL A 96 4.48 1.23 4.65
CA VAL A 96 5.26 0.24 5.41
C VAL A 96 5.45 -1.06 4.63
N TRP A 97 4.43 -1.48 3.87
CA TRP A 97 4.56 -2.71 3.11
C TRP A 97 5.66 -2.60 2.02
N ALA A 98 5.73 -1.44 1.34
CA ALA A 98 6.82 -1.19 0.36
C ALA A 98 8.20 -1.26 1.02
N GLU A 99 8.31 -0.71 2.22
CA GLU A 99 9.55 -0.76 3.01
C GLU A 99 9.96 -2.17 3.36
N MET A 100 8.96 -3.00 3.67
CA MET A 100 9.18 -4.41 3.96
C MET A 100 9.67 -5.18 2.75
N GLN A 101 9.15 -4.83 1.56
CA GLN A 101 9.67 -5.38 0.33
C GLN A 101 11.12 -4.92 0.07
N ARG A 102 11.39 -3.63 0.25
CA ARG A 102 12.74 -3.06 0.08
C ARG A 102 13.77 -3.80 0.92
N TYR A 103 13.47 -3.99 2.21
CA TYR A 103 14.41 -4.61 3.14
C TYR A 103 14.25 -6.11 3.32
N GLY A 104 13.31 -6.72 2.58
CA GLY A 104 13.17 -8.16 2.52
C GLY A 104 12.62 -8.78 3.79
N LEU A 105 11.77 -8.03 4.49
CA LEU A 105 11.22 -8.47 5.75
C LEU A 105 9.86 -9.15 5.53
N GLY A 106 9.70 -10.35 6.11
CA GLY A 106 8.45 -11.05 6.17
C GLY A 106 7.57 -10.68 7.37
N VAL A 107 6.43 -11.39 7.48
CA VAL A 107 5.48 -11.20 8.56
C VAL A 107 5.48 -12.39 9.51
N VAL A 108 5.04 -12.15 10.75
CA VAL A 108 4.70 -13.19 11.71
C VAL A 108 3.23 -13.10 12.07
N GLU A 109 2.51 -14.22 11.94
CA GLU A 109 1.10 -14.25 12.24
C GLU A 109 0.86 -14.50 13.73
N ASP A 110 0.14 -13.57 14.37
CA ASP A 110 -0.33 -13.74 15.74
C ASP A 110 -1.60 -14.57 15.75
N PRO A 111 -1.81 -15.44 16.77
CA PRO A 111 -2.88 -16.43 16.76
C PRO A 111 -4.26 -15.82 17.08
N LEU A 112 -4.84 -15.13 16.09
CA LEU A 112 -6.06 -14.33 16.29
C LEU A 112 -7.33 -15.00 15.76
N THR A 113 -7.17 -16.11 15.03
CA THR A 113 -8.29 -16.87 14.48
C THR A 113 -8.56 -18.10 15.36
N ASN A 114 -9.77 -18.66 15.21
CA ASN A 114 -10.22 -19.83 15.95
C ASN A 114 -9.99 -19.73 17.46
N LEU A 115 -10.56 -18.68 18.07
CA LEU A 115 -10.40 -18.37 19.50
C LEU A 115 -11.07 -19.41 20.39
N ASP A 116 -10.48 -19.61 21.58
CA ASP A 116 -10.98 -20.57 22.58
C ASP A 116 -11.97 -19.92 23.55
N LYS A 117 -11.72 -18.66 23.92
CA LYS A 117 -12.52 -17.92 24.88
C LYS A 117 -12.60 -16.45 24.49
N THR A 118 -13.80 -15.87 24.61
CA THR A 118 -14.07 -14.48 24.28
C THR A 118 -14.97 -13.87 25.34
N LEU A 119 -14.52 -12.77 25.95
CA LEU A 119 -15.16 -12.18 27.12
C LEU A 119 -15.45 -10.71 26.91
N ILE A 120 -16.48 -10.22 27.60
CA ILE A 120 -16.74 -8.80 27.74
C ILE A 120 -16.85 -8.50 29.24
N MET A 121 -16.11 -7.48 29.67
CA MET A 121 -16.28 -6.90 31.00
C MET A 121 -17.00 -5.56 30.80
N TYR A 122 -18.17 -5.42 31.43
CA TYR A 122 -18.95 -4.19 31.36
C TYR A 122 -18.41 -3.14 32.34
N ASN A 123 -18.90 -1.90 32.19
CA ASN A 123 -18.48 -0.76 33.00
C ASN A 123 -18.44 -1.02 34.52
N ASP A 124 -19.43 -1.78 35.02
CA ASP A 124 -19.57 -2.07 36.46
C ASP A 124 -18.68 -3.22 36.97
N GLY A 125 -17.96 -3.87 36.06
CA GLY A 125 -17.01 -4.92 36.42
C GLY A 125 -17.46 -6.35 36.19
N SER A 126 -18.73 -6.55 35.83
CA SER A 126 -19.25 -7.88 35.57
C SER A 126 -18.64 -8.44 34.27
N VAL A 127 -18.27 -9.73 34.30
CA VAL A 127 -17.64 -10.43 33.19
C VAL A 127 -18.64 -11.40 32.56
N GLU A 128 -18.78 -11.31 31.23
CA GLU A 128 -19.66 -12.23 30.50
C GLU A 128 -18.85 -12.98 29.45
N SER A 129 -18.87 -14.30 29.58
CA SER A 129 -18.34 -15.19 28.56
C SER A 129 -19.36 -15.30 27.43
N ILE A 130 -18.94 -14.92 26.21
CA ILE A 130 -19.71 -15.09 24.99
C ILE A 130 -19.07 -16.17 24.13
N SER A 131 -19.89 -16.94 23.43
CA SER A 131 -19.42 -17.90 22.43
C SER A 131 -18.68 -17.14 21.32
N PRO A 132 -17.43 -17.53 20.98
CA PRO A 132 -16.62 -16.79 20.01
C PRO A 132 -17.32 -16.41 18.69
N ASP A 133 -18.13 -17.32 18.13
CA ASP A 133 -18.91 -17.03 16.92
C ASP A 133 -19.82 -15.83 17.11
N GLU A 134 -20.58 -15.85 18.21
CA GLU A 134 -21.53 -14.79 18.55
C GLU A 134 -20.82 -13.49 18.84
N PHE A 135 -19.71 -13.58 19.57
CA PHE A 135 -18.86 -12.42 19.85
C PHE A 135 -18.43 -11.71 18.55
N GLY A 136 -17.95 -12.50 17.59
CA GLY A 136 -17.48 -12.00 16.32
C GLY A 136 -18.61 -11.37 15.53
N LYS A 137 -19.75 -12.08 15.47
CA LYS A 137 -20.95 -11.61 14.78
C LYS A 137 -21.43 -10.25 15.32
N ASN A 138 -21.38 -10.07 16.64
CA ASN A 138 -21.88 -8.86 17.28
C ASN A 138 -20.99 -7.63 17.08
N ILE A 139 -19.67 -7.78 17.21
CA ILE A 139 -18.78 -6.66 16.97
C ILE A 139 -18.85 -6.26 15.48
N ARG A 140 -18.98 -7.26 14.61
CA ARG A 140 -19.20 -7.02 13.20
C ARG A 140 -20.44 -6.14 12.96
N ILE A 141 -21.58 -6.55 13.51
CA ILE A 141 -22.83 -5.79 13.33
C ILE A 141 -22.62 -4.33 13.76
N ALA A 142 -21.98 -4.15 14.92
CA ALA A 142 -21.79 -2.85 15.54
C ALA A 142 -20.82 -1.98 14.75
N PHE A 143 -19.75 -2.59 14.23
CA PHE A 143 -18.73 -1.86 13.49
C PHE A 143 -19.25 -1.44 12.12
N GLU A 144 -19.95 -2.35 11.44
CA GLU A 144 -20.55 -2.04 10.13
C GLU A 144 -21.61 -0.95 10.21
N LYS A 145 -22.35 -0.90 11.33
CA LYS A 145 -23.31 0.17 11.61
C LYS A 145 -22.61 1.51 11.87
N LEU A 146 -21.59 1.49 12.73
CA LEU A 146 -20.80 2.69 13.02
C LEU A 146 -20.18 3.32 11.75
N CYS A 147 -19.64 2.47 10.87
CA CYS A 147 -18.91 2.90 9.67
C CYS A 147 -19.69 2.79 8.36
N HIS A 148 -21.03 2.83 8.45
CA HIS A 148 -21.93 2.57 7.33
C HIS A 148 -21.73 3.49 6.12
N ASP A 149 -21.29 4.73 6.40
CA ASP A 149 -21.16 5.78 5.39
C ASP A 149 -19.71 6.09 5.02
N ALA A 150 -18.78 5.17 5.33
CA ALA A 150 -17.36 5.37 5.07
C ALA A 150 -17.05 5.58 3.58
N TRP A 151 -17.76 4.87 2.71
CA TRP A 151 -17.54 5.01 1.27
C TRP A 151 -17.96 6.39 0.71
N GLU A 152 -19.07 6.95 1.23
CA GLU A 152 -19.54 8.27 0.79
C GLU A 152 -18.76 9.42 1.43
N VAL A 153 -18.28 9.23 2.66
CA VAL A 153 -17.58 10.28 3.42
C VAL A 153 -16.09 10.32 3.04
N PHE A 154 -15.51 9.14 2.81
CA PHE A 154 -14.10 9.01 2.49
C PHE A 154 -13.88 8.13 1.27
N PRO A 155 -14.25 8.58 0.05
CA PRO A 155 -13.94 7.82 -1.17
C PRO A 155 -12.45 7.87 -1.54
N ARG A 156 -11.73 8.82 -0.92
CA ARG A 156 -10.30 9.02 -1.10
C ARG A 156 -9.71 9.19 0.30
N PRO A 157 -9.48 8.10 1.05
CA PRO A 157 -9.06 8.21 2.45
C PRO A 157 -7.73 8.92 2.70
N HIS A 158 -6.88 9.01 1.66
CA HIS A 158 -5.60 9.69 1.74
C HIS A 158 -5.71 11.16 1.37
N GLU A 159 -6.94 11.61 1.11
CA GLU A 159 -7.30 13.03 1.08
C GLU A 159 -8.54 13.17 1.98
N PRO A 160 -8.34 13.26 3.31
CA PRO A 160 -9.45 13.17 4.27
C PRO A 160 -10.55 14.24 4.12
N MET A 161 -10.16 15.45 3.74
CA MET A 161 -11.09 16.56 3.57
C MET A 161 -11.54 16.75 2.12
N PHE A 162 -11.53 15.67 1.32
CA PHE A 162 -12.03 15.69 -0.06
C PHE A 162 -13.51 16.08 -0.18
N THR A 163 -14.33 15.51 0.72
CA THR A 163 -15.78 15.79 0.75
C THR A 163 -16.16 16.76 1.88
N GLU A 164 -17.23 17.52 1.64
CA GLU A 164 -17.83 18.41 2.63
C GLU A 164 -18.36 17.61 3.82
N ARG A 165 -18.95 16.45 3.53
CA ARG A 165 -19.48 15.56 4.56
C ARG A 165 -18.43 15.20 5.63
N ALA A 166 -17.18 14.98 5.21
CA ALA A 166 -16.10 14.69 6.14
C ALA A 166 -15.90 15.86 7.12
N ARG A 167 -16.01 17.08 6.62
CA ARG A 167 -15.90 18.30 7.43
C ARG A 167 -17.04 18.45 8.45
N GLU A 168 -18.30 18.28 8.02
CA GLU A 168 -19.45 18.44 8.90
C GLU A 168 -19.51 17.35 9.98
N LEU A 169 -19.03 16.15 9.64
CA LEU A 169 -18.98 15.03 10.58
C LEU A 169 -17.97 15.24 11.70
N ASP A 170 -16.96 16.07 11.42
CA ASP A 170 -15.92 16.43 12.38
C ASP A 170 -16.42 17.33 13.52
N LYS A 171 -17.70 17.74 13.46
CA LYS A 171 -18.40 18.35 14.58
C LYS A 171 -18.90 17.34 15.61
N SER A 172 -18.78 16.04 15.29
CA SER A 172 -19.32 14.96 16.11
C SER A 172 -18.24 14.06 16.68
N SER A 173 -18.50 13.55 17.90
CA SER A 173 -17.73 12.48 18.51
C SER A 173 -18.28 11.12 18.05
N VAL A 174 -17.50 10.08 18.30
CA VAL A 174 -17.88 8.70 18.06
C VAL A 174 -19.08 8.32 18.93
N LEU A 175 -19.08 8.77 20.19
CA LEU A 175 -20.21 8.50 21.10
C LEU A 175 -21.55 9.07 20.61
N ASP A 176 -21.52 10.26 19.99
CA ASP A 176 -22.73 10.86 19.38
C ASP A 176 -23.36 9.92 18.37
N ARG A 177 -22.53 9.26 17.55
CA ARG A 177 -23.03 8.31 16.57
C ARG A 177 -23.49 7.02 17.23
N ILE A 178 -22.64 6.46 18.09
CA ILE A 178 -22.93 5.22 18.80
C ILE A 178 -24.35 5.23 19.39
N LYS A 179 -24.76 6.39 19.94
CA LYS A 179 -26.06 6.57 20.58
C LYS A 179 -27.27 6.48 19.62
N THR A 180 -27.01 6.65 18.32
CA THR A 180 -28.04 6.67 17.29
C THR A 180 -28.19 5.32 16.59
N LEU A 181 -27.34 4.35 16.94
CA LEU A 181 -27.25 3.10 16.18
C LEU A 181 -28.24 1.97 16.54
N GLY A 182 -28.94 2.11 17.68
CA GLY A 182 -29.81 1.07 18.21
C GLY A 182 -29.11 -0.29 18.41
N LEU A 183 -27.95 -0.27 19.09
CA LEU A 183 -27.17 -1.48 19.38
C LEU A 183 -27.73 -2.17 20.62
N SER A 184 -27.54 -3.50 20.68
CA SER A 184 -27.80 -4.27 21.90
C SER A 184 -26.76 -3.88 22.95
N ARG A 185 -27.06 -4.22 24.20
CA ARG A 185 -26.16 -4.02 25.34
C ARG A 185 -24.74 -4.55 25.06
N LEU A 186 -24.68 -5.78 24.54
CA LEU A 186 -23.43 -6.45 24.19
C LEU A 186 -22.71 -5.68 23.07
N GLN A 187 -23.42 -5.44 21.97
CA GLN A 187 -22.91 -4.65 20.84
C GLN A 187 -22.33 -3.31 21.27
N GLN A 188 -23.07 -2.57 22.12
CA GLN A 188 -22.65 -1.22 22.51
C GLN A 188 -21.42 -1.25 23.41
N ALA A 189 -21.34 -2.25 24.30
CA ALA A 189 -20.18 -2.42 25.16
C ALA A 189 -18.93 -2.78 24.35
N GLN A 190 -19.10 -3.68 23.37
CA GLN A 190 -18.00 -4.09 22.49
C GLN A 190 -17.42 -2.93 21.69
N ILE A 191 -18.31 -2.16 21.06
CA ILE A 191 -17.92 -1.07 20.19
C ILE A 191 -17.37 0.11 20.98
N ASN A 192 -17.97 0.38 22.14
CA ASN A 192 -17.47 1.44 22.98
C ASN A 192 -16.10 1.10 23.51
N SER A 193 -15.90 -0.16 23.90
CA SER A 193 -14.59 -0.64 24.30
C SER A 193 -13.54 -0.46 23.19
N TYR A 194 -13.90 -0.85 21.96
CA TYR A 194 -13.03 -0.75 20.77
C TYR A 194 -12.65 0.70 20.54
N MET A 195 -13.64 1.59 20.59
CA MET A 195 -13.40 3.01 20.37
C MET A 195 -12.67 3.69 21.52
N ALA A 196 -12.92 3.25 22.76
CA ALA A 196 -12.17 3.73 23.91
C ALA A 196 -10.70 3.44 23.68
N LEU A 197 -10.42 2.23 23.18
CA LEU A 197 -9.06 1.84 22.92
C LEU A 197 -8.42 2.73 21.85
N TYR A 198 -9.13 2.93 20.74
CA TYR A 198 -8.64 3.78 19.66
C TYR A 198 -8.41 5.22 20.11
N ALA A 199 -9.30 5.73 20.96
CA ALA A 199 -9.18 7.07 21.53
C ALA A 199 -8.05 7.24 22.56
N GLY A 200 -7.70 6.13 23.24
CA GLY A 200 -6.98 6.18 24.50
C GLY A 200 -7.67 7.11 25.47
N GLU A 201 -9.01 7.04 25.51
CA GLU A 201 -9.86 8.03 26.18
C GLU A 201 -11.33 7.59 26.17
N THR A 202 -12.17 8.26 26.96
CA THR A 202 -13.62 8.06 26.88
C THR A 202 -14.13 8.55 25.52
N THR A 203 -15.16 7.87 25.00
CA THR A 203 -15.58 8.01 23.61
C THR A 203 -16.30 9.32 23.28
N ASP A 204 -16.79 10.03 24.31
CA ASP A 204 -17.33 11.39 24.17
C ASP A 204 -16.32 12.43 23.62
N LYS A 205 -15.02 12.17 23.80
CA LYS A 205 -13.98 13.10 23.35
C LYS A 205 -13.41 12.77 21.97
N PHE A 206 -13.69 11.55 21.49
CA PHE A 206 -13.01 10.96 20.35
C PHE A 206 -13.71 11.37 19.07
N GLY A 207 -12.94 11.93 18.12
CA GLY A 207 -13.47 12.39 16.84
C GLY A 207 -13.97 11.25 15.98
N LEU A 208 -15.14 11.46 15.35
CA LEU A 208 -15.80 10.42 14.55
C LEU A 208 -15.12 10.16 13.20
N PRO A 209 -14.70 11.20 12.44
CA PRO A 209 -14.10 11.00 11.12
C PRO A 209 -12.81 10.15 11.08
N GLY A 210 -11.93 10.34 12.07
CA GLY A 210 -10.69 9.58 12.16
C GLY A 210 -10.89 8.08 12.00
N VAL A 211 -11.87 7.56 12.72
CA VAL A 211 -12.21 6.13 12.73
C VAL A 211 -12.73 5.68 11.36
N LEU A 212 -13.66 6.48 10.82
CA LEU A 212 -14.24 6.23 9.51
C LEU A 212 -13.16 6.17 8.45
N LYS A 213 -12.23 7.12 8.52
CA LYS A 213 -11.18 7.25 7.54
C LYS A 213 -10.30 6.01 7.51
N LEU A 214 -9.96 5.51 8.70
CA LEU A 214 -9.15 4.30 8.85
C LEU A 214 -9.83 3.10 8.25
N PHE A 215 -11.11 2.92 8.59
CA PHE A 215 -11.92 1.86 8.02
C PHE A 215 -11.89 2.00 6.50
N ALA A 216 -11.98 3.26 6.02
CA ALA A 216 -11.92 3.57 4.60
C ALA A 216 -10.60 3.13 3.95
N CYS A 217 -9.48 3.38 4.65
CA CYS A 217 -8.15 2.95 4.20
C CYS A 217 -8.02 1.45 3.98
N GLY A 218 -8.78 0.66 4.74
CA GLY A 218 -8.78 -0.79 4.61
C GLY A 218 -9.80 -1.31 3.64
N GLY A 219 -10.09 -0.54 2.60
CA GLY A 219 -11.01 -0.93 1.54
C GLY A 219 -12.48 -0.91 1.88
N TRP A 220 -12.88 -0.06 2.83
CA TRP A 220 -14.28 0.11 3.23
C TRP A 220 -14.99 -1.21 3.55
N ASN A 221 -14.25 -2.16 4.15
CA ASN A 221 -14.72 -3.53 4.28
C ASN A 221 -14.26 -4.06 5.63
N TYR A 222 -15.21 -4.62 6.39
CA TYR A 222 -14.97 -5.10 7.75
C TYR A 222 -13.86 -6.14 7.81
N ASP A 223 -14.00 -7.19 7.00
CA ASP A 223 -13.04 -8.28 6.97
C ASP A 223 -11.63 -7.78 6.66
N ALA A 224 -11.50 -6.99 5.58
CA ALA A 224 -10.20 -6.45 5.18
C ALA A 224 -9.59 -5.61 6.30
N PHE A 225 -10.38 -4.69 6.85
CA PHE A 225 -9.89 -3.80 7.90
C PHE A 225 -9.45 -4.54 9.17
N MET A 226 -10.23 -5.53 9.57
CA MET A 226 -9.90 -6.38 10.72
C MET A 226 -8.61 -7.18 10.54
N ASP A 227 -8.40 -7.70 9.33
CA ASP A 227 -7.16 -8.40 9.02
C ASP A 227 -5.92 -7.51 9.24
N THR A 228 -6.09 -6.18 9.13
CA THR A 228 -4.99 -5.25 9.32
C THR A 228 -4.69 -4.93 10.78
N GLU A 229 -5.62 -5.27 11.69
CA GLU A 229 -5.63 -4.74 13.07
C GLU A 229 -4.44 -5.18 13.94
N THR A 230 -4.43 -6.46 14.32
CA THR A 230 -3.46 -6.99 15.27
C THR A 230 -3.05 -8.40 14.88
N HIS A 231 -3.00 -8.65 13.56
CA HIS A 231 -2.85 -9.97 12.97
C HIS A 231 -1.38 -10.32 12.58
N TYR A 232 -0.72 -9.41 11.85
CA TYR A 232 0.62 -9.65 11.29
C TYR A 232 1.63 -8.67 11.89
N ARG A 233 2.70 -9.23 12.46
CA ARG A 233 3.82 -8.45 12.96
C ARG A 233 4.98 -8.59 11.98
N ILE A 234 5.99 -7.75 12.16
CA ILE A 234 7.19 -7.75 11.36
C ILE A 234 8.14 -8.80 11.89
N GLN A 235 8.53 -9.75 11.02
CA GLN A 235 9.54 -10.74 11.34
C GLN A 235 10.85 -10.03 11.66
N GLY A 236 11.35 -10.26 12.88
CA GLY A 236 12.54 -9.58 13.40
C GLY A 236 12.23 -8.38 14.27
N GLY A 237 10.94 -8.07 14.46
CA GLY A 237 10.47 -6.96 15.27
C GLY A 237 10.54 -5.61 14.57
N THR A 238 9.83 -4.63 15.13
CA THR A 238 9.86 -3.29 14.61
C THR A 238 11.29 -2.70 14.55
N ILE A 239 12.12 -3.05 15.53
CA ILE A 239 13.47 -2.51 15.65
C ILE A 239 14.30 -2.89 14.42
N GLY A 240 14.07 -4.10 13.88
CA GLY A 240 14.70 -4.56 12.65
C GLY A 240 14.44 -3.64 11.44
N LEU A 241 13.22 -3.10 11.31
CA LEU A 241 12.94 -2.23 10.16
C LEU A 241 13.57 -0.85 10.37
N ILE A 242 13.51 -0.35 11.62
CA ILE A 242 14.15 0.89 12.03
C ILE A 242 15.65 0.84 11.72
N ASN A 243 16.35 -0.18 12.24
CA ASN A 243 17.78 -0.37 11.99
C ASN A 243 18.13 -0.47 10.49
N ALA A 244 17.32 -1.22 9.75
CA ALA A 244 17.52 -1.39 8.31
C ALA A 244 17.47 -0.02 7.60
N MET A 245 16.52 0.84 7.99
CA MET A 245 16.46 2.19 7.41
C MET A 245 17.66 3.06 7.80
N LEU A 246 18.01 3.05 9.09
CA LEU A 246 19.13 3.88 9.57
C LEU A 246 20.47 3.41 9.06
N THR A 247 20.67 2.09 9.04
CA THR A 247 21.80 1.49 8.37
C THR A 247 21.90 1.88 6.86
N ASP A 248 20.79 1.76 6.13
CA ASP A 248 20.72 2.18 4.74
C ASP A 248 21.07 3.68 4.56
N SER A 249 20.61 4.52 5.50
CA SER A 249 20.62 5.98 5.37
C SER A 249 22.00 6.65 5.21
N GLY A 250 23.01 6.10 5.87
CA GLY A 250 24.33 6.74 6.00
C GLY A 250 24.32 7.96 6.95
N ALA A 251 23.22 8.18 7.66
CA ALA A 251 23.10 9.33 8.57
C ALA A 251 23.87 9.07 9.87
N GLU A 252 24.43 10.13 10.44
CA GLU A 252 24.91 10.12 11.81
C GLU A 252 23.66 10.05 12.72
N VAL A 253 23.69 9.14 13.70
CA VAL A 253 22.60 8.91 14.65
C VAL A 253 23.17 9.15 16.04
N ARG A 254 22.53 10.04 16.80
CA ARG A 254 22.92 10.34 18.17
C ARG A 254 21.80 9.93 19.10
N MET A 255 22.15 9.13 20.12
CA MET A 255 21.25 8.70 21.15
C MET A 255 21.45 9.56 22.38
N SER A 256 20.40 9.61 23.20
CA SER A 256 20.35 10.37 24.46
C SER A 256 20.67 11.87 24.25
N VAL A 257 20.20 12.45 23.13
CA VAL A 257 20.33 13.88 22.88
C VAL A 257 18.96 14.54 22.68
N PRO A 258 18.26 14.95 23.76
CA PRO A 258 17.00 15.67 23.61
C PRO A 258 17.23 17.08 23.06
N VAL A 259 16.40 17.50 22.11
CA VAL A 259 16.39 18.86 21.59
C VAL A 259 15.48 19.70 22.47
N THR A 260 15.97 20.88 22.89
CA THR A 260 15.19 21.78 23.73
C THR A 260 14.78 23.07 23.02
N ALA A 261 15.37 23.38 21.87
CA ALA A 261 15.01 24.59 21.13
C ALA A 261 15.50 24.59 19.69
N VAL A 262 14.76 25.31 18.85
CA VAL A 262 15.06 25.51 17.44
C VAL A 262 14.84 26.98 17.14
N GLU A 263 15.87 27.62 16.59
CA GLU A 263 15.85 29.01 16.17
C GLU A 263 16.16 29.06 14.67
N GLN A 264 15.33 29.75 13.90
CA GLN A 264 15.60 30.00 12.50
C GLN A 264 16.48 31.25 12.33
N VAL A 265 17.63 31.10 11.69
CA VAL A 265 18.62 32.18 11.56
C VAL A 265 19.67 31.82 10.50
N ASN A 266 20.22 32.85 9.83
CA ASN A 266 21.26 32.72 8.77
C ASN A 266 20.95 31.74 7.61
N GLY A 267 19.67 31.69 7.19
CA GLY A 267 19.24 30.83 6.10
C GLY A 267 19.20 29.34 6.46
N GLY A 268 19.22 29.05 7.76
CA GLY A 268 19.08 27.70 8.26
C GLY A 268 18.49 27.74 9.65
N VAL A 269 18.94 26.81 10.50
CA VAL A 269 18.44 26.69 11.86
C VAL A 269 19.58 26.45 12.83
N LYS A 270 19.38 26.87 14.08
CA LYS A 270 20.22 26.51 15.22
C LYS A 270 19.37 25.62 16.11
N ILE A 271 19.89 24.42 16.40
CA ILE A 271 19.24 23.45 17.24
C ILE A 271 19.98 23.38 18.57
N LYS A 272 19.23 23.56 19.67
CA LYS A 272 19.80 23.46 21.01
C LYS A 272 19.44 22.13 21.65
N THR A 273 20.45 21.45 22.22
CA THR A 273 20.28 20.17 22.91
C THR A 273 20.17 20.47 24.42
N ASP A 274 19.74 19.49 25.21
CA ASP A 274 19.56 19.69 26.66
C ASP A 274 20.88 19.90 27.43
N ASP A 275 22.00 19.59 26.78
CA ASP A 275 23.33 19.87 27.27
C ASP A 275 23.87 21.22 26.81
N ASP A 276 23.03 22.04 26.14
CA ASP A 276 23.39 23.36 25.60
C ASP A 276 24.40 23.30 24.47
N GLU A 277 24.44 22.19 23.72
CA GLU A 277 25.18 22.16 22.46
C GLU A 277 24.30 22.85 21.40
N ILE A 278 24.94 23.61 20.52
CA ILE A 278 24.27 24.23 19.39
C ILE A 278 24.75 23.53 18.13
N ILE A 279 23.81 23.00 17.35
CA ILE A 279 24.09 22.39 16.06
C ILE A 279 23.37 23.19 15.00
N THR A 280 24.10 23.60 13.95
CA THR A 280 23.50 24.30 12.82
C THR A 280 23.19 23.38 11.64
N ALA A 281 22.16 23.74 10.90
CA ALA A 281 21.69 22.96 9.79
C ALA A 281 20.91 23.82 8.80
N GLY A 282 20.93 23.43 7.53
CA GLY A 282 20.12 24.04 6.49
C GLY A 282 18.62 23.86 6.75
N VAL A 283 18.23 22.65 7.18
CA VAL A 283 16.83 22.30 7.49
C VAL A 283 16.72 21.34 8.67
N VAL A 284 15.56 21.37 9.33
CA VAL A 284 15.27 20.47 10.44
C VAL A 284 13.88 19.85 10.22
N VAL A 285 13.79 18.52 10.42
CA VAL A 285 12.55 17.78 10.35
C VAL A 285 12.17 17.38 11.76
N MET A 286 11.11 17.99 12.29
CA MET A 286 10.53 17.61 13.57
C MET A 286 9.60 16.41 13.39
N THR A 287 9.88 15.34 14.14
CA THR A 287 9.05 14.13 14.10
C THR A 287 8.56 13.70 15.48
N VAL A 288 8.71 14.59 16.47
CA VAL A 288 8.38 14.29 17.85
C VAL A 288 6.86 14.20 18.00
N PRO A 289 6.34 13.44 19.00
CA PRO A 289 4.89 13.35 19.19
C PRO A 289 4.37 14.73 19.56
N LEU A 290 3.18 15.03 19.03
CA LEU A 290 2.49 16.28 19.23
C LEU A 290 2.48 16.73 20.69
N ASN A 291 2.23 15.77 21.59
CA ASN A 291 2.07 16.06 23.02
C ASN A 291 3.36 16.44 23.72
N THR A 292 4.50 16.28 23.02
CA THR A 292 5.83 16.64 23.51
C THR A 292 6.40 17.95 22.97
N TYR A 293 5.64 18.68 22.17
CA TYR A 293 6.10 19.95 21.59
C TYR A 293 6.34 21.04 22.61
N LYS A 294 5.61 21.01 23.71
CA LYS A 294 5.75 21.97 24.79
C LYS A 294 7.15 22.01 25.43
N HIS A 295 7.89 20.90 25.30
CA HIS A 295 9.29 20.83 25.74
C HIS A 295 10.32 21.57 24.85
N ILE A 296 9.85 22.16 23.74
CA ILE A 296 10.72 22.75 22.72
C ILE A 296 10.31 24.20 22.42
N GLY A 297 11.25 25.13 22.61
CA GLY A 297 11.06 26.54 22.27
C GLY A 297 11.36 26.81 20.81
N PHE A 298 10.55 27.63 20.15
CA PHE A 298 10.69 27.91 18.73
C PHE A 298 10.84 29.40 18.53
N THR A 299 11.84 29.79 17.73
CA THR A 299 12.03 31.18 17.33
C THR A 299 12.17 31.20 15.81
N PRO A 300 11.29 31.91 15.08
CA PRO A 300 10.14 32.59 15.67
C PRO A 300 9.07 31.59 16.08
N ALA A 301 7.98 32.13 16.64
CA ALA A 301 6.84 31.33 17.02
C ALA A 301 6.32 30.53 15.83
N LEU A 302 5.78 29.36 16.11
CA LEU A 302 5.06 28.58 15.10
C LEU A 302 3.73 29.29 14.81
N SER A 303 3.12 28.99 13.66
CA SER A 303 1.83 29.56 13.26
C SER A 303 0.76 29.30 14.33
N LYS A 304 -0.27 30.14 14.30
CA LYS A 304 -1.36 30.06 15.25
C LYS A 304 -2.12 28.74 15.16
N GLY A 305 -2.37 28.27 13.94
CA GLY A 305 -2.98 26.96 13.72
C GLY A 305 -2.17 25.84 14.36
N LYS A 306 -0.85 25.94 14.27
CA LYS A 306 0.05 24.94 14.85
C LYS A 306 0.10 25.06 16.38
N GLN A 307 0.07 26.29 16.91
CA GLN A 307 0.04 26.52 18.36
C GLN A 307 -1.25 25.98 19.00
N ARG A 308 -2.36 26.05 18.27
CA ARG A 308 -3.61 25.47 18.72
C ARG A 308 -3.47 23.96 18.93
N PHE A 309 -2.95 23.27 17.92
CA PHE A 309 -2.70 21.83 18.00
C PHE A 309 -1.81 21.45 19.20
N ILE A 310 -0.71 22.19 19.35
CA ILE A 310 0.22 21.98 20.44
C ILE A 310 -0.38 22.16 21.83
N LYS A 311 -1.24 23.17 21.99
CA LYS A 311 -1.92 23.42 23.26
C LYS A 311 -3.06 22.40 23.57
N GLU A 312 -3.79 21.94 22.54
CA GLU A 312 -4.79 20.88 22.67
C GLU A 312 -4.10 19.54 22.88
N GLY A 313 -3.13 19.25 22.01
CA GLY A 313 -2.51 17.96 21.96
C GLY A 313 -3.47 16.92 21.38
N GLN A 314 -3.15 15.67 21.69
CA GLN A 314 -3.71 14.47 21.09
C GLN A 314 -4.24 13.68 22.29
N LEU A 315 -5.37 12.97 22.13
CA LEU A 315 -6.10 12.38 23.28
C LEU A 315 -5.41 11.28 24.11
N SER A 316 -4.70 10.36 23.45
CA SER A 316 -4.48 9.03 23.99
C SER A 316 -3.64 8.99 25.27
N LYS A 317 -4.15 8.27 26.27
CA LYS A 317 -3.46 8.09 27.55
C LYS A 317 -3.16 6.61 27.80
N GLY A 318 -2.94 5.89 26.70
CA GLY A 318 -2.76 4.47 26.71
C GLY A 318 -1.51 3.99 27.39
N ALA A 319 -1.53 2.69 27.77
CA ALA A 319 -0.40 1.96 28.30
C ALA A 319 -0.47 0.52 27.82
N LYS A 320 0.66 -0.19 27.95
CA LYS A 320 0.79 -1.56 27.49
C LYS A 320 1.28 -2.42 28.63
N LEU A 321 0.74 -3.63 28.72
CA LEU A 321 0.94 -4.57 29.82
C LEU A 321 0.98 -5.99 29.26
N TYR A 322 1.96 -6.78 29.70
CA TYR A 322 1.99 -8.21 29.46
C TYR A 322 1.94 -8.88 30.80
N VAL A 323 1.15 -9.95 30.89
CA VAL A 323 1.03 -10.76 32.09
C VAL A 323 1.29 -12.21 31.71
N HIS A 324 2.15 -12.88 32.47
CA HIS A 324 2.41 -14.30 32.32
C HIS A 324 1.59 -14.99 33.40
N VAL A 325 0.75 -15.95 32.99
CA VAL A 325 -0.02 -16.75 33.94
C VAL A 325 0.29 -18.23 33.74
N LYS A 326 0.30 -18.97 34.86
CA LYS A 326 0.67 -20.38 34.88
C LYS A 326 -0.31 -21.21 34.07
N GLN A 327 -1.60 -20.96 34.26
CA GLN A 327 -2.66 -21.69 33.58
C GLN A 327 -2.57 -21.47 32.06
N ASN A 328 -2.89 -22.52 31.31
CA ASN A 328 -3.01 -22.47 29.85
C ASN A 328 -4.47 -22.15 29.51
N LEU A 329 -4.69 -20.90 29.08
CA LEU A 329 -6.02 -20.38 28.73
C LEU A 329 -6.24 -20.43 27.21
N GLY A 330 -5.30 -21.03 26.48
CA GLY A 330 -5.34 -21.03 25.04
C GLY A 330 -5.51 -19.63 24.48
N ARG A 331 -6.05 -19.57 23.25
CA ARG A 331 -6.29 -18.32 22.56
C ARG A 331 -7.54 -17.59 23.08
N VAL A 332 -7.31 -16.50 23.82
CA VAL A 332 -8.36 -15.69 24.42
C VAL A 332 -8.45 -14.32 23.80
N PHE A 333 -9.64 -13.72 23.90
CA PHE A 333 -9.84 -12.31 23.57
C PHE A 333 -10.85 -11.71 24.52
N ALA A 334 -10.56 -10.49 24.98
CA ALA A 334 -11.48 -9.77 25.85
C ALA A 334 -11.51 -8.29 25.56
N PHE A 335 -12.72 -7.72 25.62
CA PHE A 335 -12.97 -6.30 25.72
C PHE A 335 -13.35 -6.01 27.17
N ALA A 336 -12.88 -4.87 27.67
CA ALA A 336 -13.49 -4.21 28.83
C ALA A 336 -13.87 -2.78 28.41
N ASP A 337 -15.04 -2.34 28.87
CA ASP A 337 -15.56 -1.02 28.54
C ASP A 337 -14.71 0.01 29.28
N GLU A 338 -14.88 1.27 28.89
CA GLU A 338 -13.93 2.35 29.21
C GLU A 338 -13.74 2.66 30.71
N GLN A 339 -14.71 2.29 31.55
CA GLN A 339 -14.58 2.52 32.99
C GLN A 339 -13.74 1.44 33.68
N GLN A 340 -13.32 0.40 32.95
CA GLN A 340 -12.45 -0.65 33.48
C GLN A 340 -11.09 -0.60 32.79
N PRO A 341 -10.02 -1.13 33.42
CA PRO A 341 -8.66 -1.02 32.87
C PRO A 341 -8.25 -1.92 31.71
N LEU A 342 -8.64 -3.20 31.72
CA LEU A 342 -8.05 -4.18 30.80
C LEU A 342 -8.84 -4.27 29.48
N ASN A 343 -8.78 -3.18 28.71
CA ASN A 343 -9.73 -2.89 27.62
C ASN A 343 -9.63 -3.78 26.39
N TRP A 344 -8.40 -4.20 26.07
CA TRP A 344 -8.11 -5.07 24.95
C TRP A 344 -7.14 -6.14 25.42
N VAL A 345 -7.64 -7.37 25.59
CA VAL A 345 -6.84 -8.55 25.96
C VAL A 345 -6.77 -9.61 24.84
N GLN A 346 -5.55 -10.08 24.56
CA GLN A 346 -5.21 -10.94 23.44
C GLN A 346 -4.15 -11.91 23.95
N THR A 347 -4.07 -13.11 23.36
CA THR A 347 -3.04 -14.08 23.74
C THR A 347 -1.81 -13.84 22.88
N HIS A 348 -0.64 -13.71 23.55
CA HIS A 348 0.65 -13.61 22.89
C HIS A 348 1.23 -15.00 22.65
N ASP A 349 1.19 -15.87 23.67
CA ASP A 349 1.61 -17.26 23.52
C ASP A 349 1.00 -18.13 24.61
N TYR A 350 0.92 -19.44 24.34
CA TYR A 350 0.34 -20.40 25.27
C TYR A 350 0.93 -21.79 25.02
N SER A 351 0.85 -22.63 26.05
CA SER A 351 1.23 -24.05 26.03
C SER A 351 1.15 -24.52 27.47
N ASP A 352 1.20 -25.84 27.67
CA ASP A 352 1.06 -26.44 28.99
C ASP A 352 2.28 -26.11 29.85
N GLU A 353 3.47 -26.10 29.23
CA GLU A 353 4.73 -25.76 29.92
C GLU A 353 4.83 -24.27 30.23
N LEU A 354 4.50 -23.43 29.25
CA LEU A 354 4.57 -21.97 29.39
C LEU A 354 3.47 -21.46 30.31
N GLY A 355 2.25 -21.96 30.08
CA GLY A 355 1.05 -21.34 30.56
C GLY A 355 0.59 -20.41 29.45
N THR A 356 0.29 -19.15 29.79
CA THR A 356 -0.20 -18.19 28.82
C THR A 356 0.43 -16.82 29.07
N ILE A 357 0.93 -16.18 28.00
CA ILE A 357 1.32 -14.77 28.07
C ILE A 357 0.20 -13.94 27.46
N LEU A 358 -0.39 -13.06 28.28
CA LEU A 358 -1.45 -12.15 27.84
C LEU A 358 -0.88 -10.81 27.44
N SER A 359 -1.27 -10.34 26.24
CA SER A 359 -0.97 -9.02 25.75
C SER A 359 -2.17 -8.11 25.93
N ILE A 360 -2.00 -7.10 26.78
CA ILE A 360 -3.06 -6.23 27.21
C ILE A 360 -2.73 -4.76 26.91
N THR A 361 -3.68 -4.10 26.26
CA THR A 361 -3.61 -2.68 26.01
C THR A 361 -4.67 -1.95 26.87
N ILE A 362 -4.21 -0.93 27.58
CA ILE A 362 -5.01 -0.14 28.48
C ILE A 362 -5.24 1.21 27.83
N ALA A 363 -6.51 1.61 27.71
CA ALA A 363 -6.92 2.86 27.05
C ALA A 363 -6.49 4.11 27.81
N ARG A 364 -6.63 4.05 29.14
CA ARG A 364 -6.35 5.19 30.02
C ARG A 364 -5.55 4.77 31.22
N LYS A 365 -4.32 5.28 31.29
CA LYS A 365 -3.38 4.96 32.37
C LYS A 365 -4.00 5.14 33.75
N GLU A 366 -4.80 6.20 33.91
CA GLU A 366 -5.44 6.52 35.19
C GLU A 366 -6.30 5.40 35.78
N THR A 367 -6.83 4.51 34.92
CA THR A 367 -7.70 3.39 35.37
C THR A 367 -6.96 2.25 36.10
N ILE A 368 -5.61 2.24 36.04
CA ILE A 368 -4.84 1.20 36.70
C ILE A 368 -3.39 1.58 36.92
N ASP A 369 -2.90 1.35 38.13
CA ASP A 369 -1.50 1.56 38.47
C ASP A 369 -0.70 0.38 37.91
N VAL A 370 -0.14 0.59 36.72
CA VAL A 370 0.41 -0.50 35.91
C VAL A 370 1.76 -0.97 36.41
N ASN A 371 2.40 -0.17 37.29
CA ASN A 371 3.64 -0.55 37.93
C ASN A 371 3.44 -1.14 39.32
N ASP A 372 2.19 -1.10 39.81
CA ASP A 372 1.80 -1.77 41.05
C ASP A 372 1.28 -3.17 40.74
N ARG A 373 2.07 -4.19 41.10
CA ARG A 373 1.81 -5.58 40.76
C ARG A 373 0.59 -6.17 41.49
N ASP A 374 0.31 -5.69 42.71
CA ASP A 374 -0.85 -6.11 43.47
C ASP A 374 -2.16 -5.65 42.80
N ALA A 375 -2.10 -4.47 42.17
CA ALA A 375 -3.24 -3.89 41.46
C ALA A 375 -3.47 -4.62 40.13
N VAL A 376 -2.40 -4.80 39.37
CA VAL A 376 -2.46 -5.53 38.10
C VAL A 376 -2.99 -6.95 38.32
N THR A 377 -2.48 -7.61 39.36
CA THR A 377 -2.85 -8.97 39.68
C THR A 377 -4.35 -9.10 39.97
N ARG A 378 -4.88 -8.19 40.80
CA ARG A 378 -6.30 -8.16 41.17
C ARG A 378 -7.18 -7.93 39.95
N GLU A 379 -6.75 -7.04 39.06
CA GLU A 379 -7.46 -6.74 37.82
C GLU A 379 -7.50 -7.92 36.85
N VAL A 380 -6.35 -8.57 36.67
CA VAL A 380 -6.27 -9.80 35.88
C VAL A 380 -7.17 -10.91 36.45
N GLN A 381 -7.21 -11.01 37.79
CA GLN A 381 -8.03 -11.99 38.48
C GLN A 381 -9.52 -11.68 38.42
N LYS A 382 -9.86 -10.39 38.27
CA LYS A 382 -11.23 -9.95 38.04
C LYS A 382 -11.72 -10.45 36.68
N MET A 383 -10.83 -10.39 35.68
CA MET A 383 -11.13 -10.81 34.32
C MET A 383 -11.16 -12.34 34.24
N PHE A 384 -10.16 -13.00 34.83
CA PHE A 384 -9.98 -14.45 34.78
C PHE A 384 -9.83 -15.01 36.19
N PRO A 385 -10.94 -15.24 36.93
CA PRO A 385 -10.84 -15.71 38.32
C PRO A 385 -10.10 -17.04 38.46
N GLY A 386 -9.28 -17.16 39.50
CA GLY A 386 -8.50 -18.36 39.76
C GLY A 386 -7.21 -18.50 38.95
N VAL A 387 -6.81 -17.45 38.25
CA VAL A 387 -5.54 -17.44 37.53
C VAL A 387 -4.41 -17.06 38.49
N GLU A 388 -3.21 -17.61 38.24
CA GLU A 388 -2.02 -17.36 39.03
C GLU A 388 -1.04 -16.55 38.20
N VAL A 389 -0.70 -15.34 38.67
CA VAL A 389 0.17 -14.41 37.95
C VAL A 389 1.67 -14.65 38.25
N LEU A 390 2.41 -15.14 37.26
CA LEU A 390 3.83 -15.47 37.41
C LEU A 390 4.77 -14.28 37.14
N GLY A 391 4.30 -13.31 36.34
CA GLY A 391 5.06 -12.10 36.08
C GLY A 391 4.26 -11.10 35.26
N THR A 392 4.74 -9.84 35.27
CA THR A 392 4.16 -8.74 34.51
C THR A 392 5.27 -7.90 33.92
N ALA A 393 4.99 -7.24 32.80
CA ALA A 393 5.86 -6.25 32.19
C ALA A 393 4.96 -5.18 31.56
N ALA A 394 5.27 -3.91 31.85
CA ALA A 394 4.45 -2.78 31.42
C ALA A 394 5.31 -1.64 30.85
N TYR A 395 4.69 -0.85 29.97
CA TYR A 395 5.21 0.40 29.45
C TYR A 395 4.12 1.47 29.52
N ASP A 396 4.36 2.49 30.35
CA ASP A 396 3.43 3.59 30.58
C ASP A 396 3.82 4.74 29.67
N TRP A 397 3.17 4.81 28.50
CA TRP A 397 3.44 5.81 27.48
C TRP A 397 3.10 7.23 27.89
N THR A 398 2.26 7.37 28.92
CA THR A 398 1.84 8.70 29.42
C THR A 398 2.84 9.30 30.37
N ALA A 399 3.57 8.47 31.10
CA ALA A 399 4.61 8.96 32.02
C ALA A 399 5.94 9.26 31.32
N ASP A 400 6.14 8.69 30.12
CA ASP A 400 7.35 8.90 29.34
C ASP A 400 7.40 10.32 28.77
N PRO A 401 8.36 11.15 29.21
CA PRO A 401 8.46 12.53 28.71
C PRO A 401 8.58 12.65 27.21
N PHE A 402 9.07 11.61 26.52
CA PHE A 402 9.26 11.68 25.08
C PHE A 402 8.13 11.05 24.26
N SER A 403 7.02 10.69 24.94
CA SER A 403 5.73 10.41 24.29
C SER A 403 4.55 11.19 24.88
N LEU A 404 4.46 11.19 26.22
CA LEU A 404 3.39 11.86 26.97
C LEU A 404 1.99 11.54 26.40
N GLY A 405 1.77 10.25 26.13
CA GLY A 405 0.58 9.79 25.44
C GLY A 405 0.99 8.60 24.61
N ALA A 406 0.02 7.97 23.96
CA ALA A 406 0.23 6.80 23.13
C ALA A 406 0.02 7.17 21.65
N TRP A 407 -0.58 6.25 20.88
CA TRP A 407 -0.90 6.42 19.46
C TRP A 407 -1.73 7.70 19.22
N ALA A 408 -1.65 8.24 18.00
CA ALA A 408 -2.43 9.38 17.56
C ALA A 408 -3.93 9.11 17.68
N ALA A 409 -4.62 10.00 18.40
CA ALA A 409 -6.07 9.96 18.51
C ALA A 409 -6.62 11.39 18.46
N TYR A 410 -7.34 11.70 17.38
CA TYR A 410 -7.89 13.04 17.20
C TYR A 410 -9.16 13.29 18.04
N GLY A 411 -9.21 14.46 18.69
CA GLY A 411 -10.39 14.97 19.33
C GLY A 411 -11.37 15.51 18.28
N VAL A 412 -12.54 15.93 18.76
CA VAL A 412 -13.54 16.57 17.93
C VAL A 412 -12.95 17.83 17.28
N GLY A 413 -13.06 17.89 15.95
CA GLY A 413 -12.66 19.07 15.18
C GLY A 413 -11.20 19.13 14.77
N GLN A 414 -10.40 18.15 15.19
CA GLN A 414 -8.97 18.21 14.94
C GLN A 414 -8.60 17.79 13.52
N LEU A 415 -9.21 16.70 13.05
CA LEU A 415 -8.88 16.15 11.73
C LEU A 415 -9.02 17.16 10.61
N SER A 416 -10.08 17.97 10.66
CA SER A 416 -10.38 18.93 9.60
C SER A 416 -9.40 20.13 9.58
N ARG A 417 -8.59 20.26 10.63
CA ARG A 417 -7.55 21.30 10.74
C ARG A 417 -6.14 20.78 10.48
N LEU A 418 -6.03 19.50 10.15
CA LEU A 418 -4.78 18.78 10.05
C LEU A 418 -3.66 19.46 9.24
N LYS A 419 -4.05 20.26 8.24
CA LYS A 419 -3.09 20.96 7.38
C LYS A 419 -2.21 21.95 8.12
N ASP A 420 -2.76 22.53 9.21
CA ASP A 420 -2.02 23.44 10.08
C ASP A 420 -0.83 22.73 10.71
N LEU A 421 -1.02 21.46 11.04
CA LEU A 421 -0.01 20.62 11.66
C LEU A 421 1.09 20.19 10.69
N GLN A 422 0.70 20.02 9.42
CA GLN A 422 1.56 19.48 8.38
C GLN A 422 2.42 20.55 7.69
N ALA A 423 1.91 21.78 7.66
CA ALA A 423 2.49 22.84 6.86
C ALA A 423 3.92 23.11 7.32
N ALA A 424 4.81 23.21 6.36
CA ALA A 424 6.17 23.70 6.55
C ALA A 424 6.15 25.05 7.26
N GLU A 425 7.04 25.24 8.24
CA GLU A 425 7.32 26.55 8.86
C GLU A 425 8.72 27.05 8.52
N GLY A 426 8.87 27.71 7.36
CA GLY A 426 10.16 28.21 6.91
C GLY A 426 11.09 27.02 6.64
N ARG A 427 12.16 26.90 7.42
CA ARG A 427 13.04 25.75 7.29
C ARG A 427 12.86 24.64 8.31
N ILE A 428 11.73 24.64 9.01
CA ILE A 428 11.35 23.58 9.90
C ILE A 428 10.25 22.82 9.19
N LEU A 429 10.47 21.50 9.02
CA LEU A 429 9.46 20.60 8.50
C LEU A 429 8.92 19.75 9.59
N PHE A 430 7.71 19.24 9.39
CA PHE A 430 7.05 18.45 10.42
C PHE A 430 6.59 17.17 9.85
N ALA A 431 6.86 16.08 10.58
CA ALA A 431 6.37 14.76 10.32
C ALA A 431 5.99 14.04 11.61
N GLY A 432 5.56 12.79 11.48
CA GLY A 432 5.01 12.03 12.59
C GLY A 432 3.63 11.53 12.24
N ALA A 433 3.20 10.45 12.89
CA ALA A 433 1.93 9.80 12.55
C ALA A 433 0.74 10.75 12.68
N GLU A 434 0.76 11.60 13.70
CA GLU A 434 -0.23 12.64 13.90
C GLU A 434 -0.45 13.47 12.62
N THR A 435 0.64 13.74 11.89
CA THR A 435 0.62 14.60 10.69
C THR A 435 0.33 13.86 9.38
N SER A 436 0.11 12.54 9.45
CA SER A 436 -0.10 11.78 8.25
C SER A 436 -1.56 11.85 7.78
N ASN A 437 -1.77 11.55 6.50
CA ASN A 437 -3.10 11.58 5.91
C ASN A 437 -3.87 10.30 6.03
N GLY A 438 -3.17 9.17 6.00
CA GLY A 438 -3.79 7.86 5.89
C GLY A 438 -3.94 7.16 7.24
N TRP A 439 -3.09 6.14 7.47
CA TRP A 439 -3.13 5.32 8.66
C TRP A 439 -2.42 6.02 9.83
N HIS A 440 -3.04 7.07 10.38
CA HIS A 440 -2.45 7.94 11.40
C HIS A 440 -2.21 7.29 12.76
N ALA A 441 -2.87 6.14 13.00
CA ALA A 441 -2.74 5.40 14.26
C ALA A 441 -1.81 4.21 14.09
N ASN A 442 -0.96 4.26 13.06
CA ASN A 442 -0.17 3.13 12.67
C ASN A 442 1.25 3.53 12.33
N ILE A 443 2.11 2.52 12.25
CA ILE A 443 3.44 2.61 11.78
C ILE A 443 3.42 3.20 10.37
N ASP A 444 2.44 2.79 9.57
CA ASP A 444 2.35 3.16 8.17
C ASP A 444 2.27 4.65 8.00
N GLY A 445 1.45 5.28 8.84
CA GLY A 445 1.29 6.73 8.89
C GLY A 445 2.58 7.48 9.21
N ALA A 446 3.40 6.91 10.11
CA ALA A 446 4.68 7.52 10.43
C ALA A 446 5.58 7.47 9.19
N VAL A 447 5.63 6.32 8.53
CA VAL A 447 6.40 6.17 7.30
C VAL A 447 5.97 7.17 6.22
N GLU A 448 4.66 7.22 5.95
CA GLU A 448 4.09 8.20 5.03
C GLU A 448 4.66 9.60 5.26
N SER A 449 4.60 10.05 6.52
CA SER A 449 5.02 11.40 6.86
C SER A 449 6.49 11.63 6.64
N GLY A 450 7.30 10.59 6.88
CA GLY A 450 8.73 10.61 6.61
C GLY A 450 9.10 10.71 5.14
N LEU A 451 8.29 10.08 4.29
CA LEU A 451 8.49 10.15 2.85
C LEU A 451 8.16 11.59 2.43
N ARG A 452 7.07 12.15 2.96
CA ARG A 452 6.71 13.54 2.66
C ARG A 452 7.84 14.49 3.05
N ALA A 453 8.36 14.31 4.26
CA ALA A 453 9.41 15.14 4.78
C ALA A 453 10.66 15.07 3.92
N GLY A 454 11.04 13.86 3.50
CA GLY A 454 12.18 13.67 2.61
C GLY A 454 12.04 14.50 1.34
N ARG A 455 10.83 14.49 0.78
CA ARG A 455 10.56 15.28 -0.41
C ARG A 455 10.64 16.81 -0.15
N GLU A 456 10.06 17.26 0.96
CA GLU A 456 10.07 18.69 1.33
C GLU A 456 11.49 19.17 1.61
N VAL A 457 12.32 18.30 2.19
CA VAL A 457 13.74 18.61 2.39
C VAL A 457 14.45 18.88 1.08
N LYS A 458 14.25 17.97 0.11
CA LYS A 458 14.88 18.08 -1.20
C LYS A 458 14.51 19.40 -1.87
N GLN A 459 13.23 19.77 -1.76
CA GLN A 459 12.72 21.00 -2.34
C GLN A 459 13.43 22.23 -1.76
N LEU A 460 13.68 22.23 -0.44
CA LEU A 460 14.40 23.31 0.25
C LEU A 460 15.91 23.35 -0.04
N LEU A 461 16.51 22.18 -0.22
CA LEU A 461 17.96 22.07 -0.43
C LEU A 461 18.39 22.00 -1.90
N SER A 462 17.36 21.95 -2.75
CA SER A 462 17.51 21.80 -4.21
C SER A 462 18.47 22.85 -4.76
N GLY B 30 35.11 -4.59 -9.42
CA GLY B 30 36.31 -5.30 -9.94
C GLY B 30 36.73 -4.88 -11.35
N GLY B 31 36.84 -3.56 -11.57
CA GLY B 31 37.33 -2.97 -12.81
C GLY B 31 36.35 -2.96 -14.00
N PHE B 32 35.06 -3.18 -13.72
CA PHE B 32 34.05 -3.18 -14.76
C PHE B 32 33.65 -1.75 -15.12
N ASP B 33 33.03 -1.58 -16.30
CA ASP B 33 32.53 -0.27 -16.72
C ASP B 33 31.50 0.30 -15.72
N TYR B 34 30.60 -0.56 -15.24
CA TYR B 34 29.57 -0.17 -14.29
C TYR B 34 29.46 -1.19 -13.16
N ASP B 35 28.96 -0.75 -12.01
CA ASP B 35 28.60 -1.65 -10.92
C ASP B 35 27.41 -2.52 -11.34
N VAL B 36 26.39 -1.88 -11.89
CA VAL B 36 25.16 -2.54 -12.23
C VAL B 36 24.58 -1.96 -13.48
N VAL B 37 24.14 -2.86 -14.37
CA VAL B 37 23.37 -2.52 -15.54
C VAL B 37 21.94 -3.07 -15.42
N VAL B 38 20.96 -2.17 -15.62
CA VAL B 38 19.55 -2.48 -15.66
C VAL B 38 19.12 -2.48 -17.13
N VAL B 39 18.49 -3.58 -17.58
CA VAL B 39 18.01 -3.69 -18.96
C VAL B 39 16.51 -3.48 -18.97
N GLY B 40 16.08 -2.39 -19.59
CA GLY B 40 14.70 -2.02 -19.70
C GLY B 40 14.37 -0.79 -18.84
N GLY B 41 13.73 0.21 -19.46
CA GLY B 41 13.25 1.42 -18.80
C GLY B 41 11.73 1.52 -18.66
N GLY B 42 11.09 0.39 -18.32
CA GLY B 42 9.71 0.41 -17.84
C GLY B 42 9.78 0.71 -16.37
N PHE B 43 8.67 0.49 -15.65
CA PHE B 43 8.66 0.72 -14.21
C PHE B 43 9.55 -0.23 -13.40
N ALA B 44 9.65 -1.48 -13.81
CA ALA B 44 10.53 -2.43 -13.13
C ALA B 44 11.95 -1.93 -13.21
N GLY B 45 12.38 -1.53 -14.42
CA GLY B 45 13.69 -0.99 -14.67
C GLY B 45 14.00 0.33 -14.00
N ALA B 46 13.05 1.28 -14.06
CA ALA B 46 13.24 2.60 -13.49
C ALA B 46 13.38 2.52 -11.99
N THR B 47 12.56 1.65 -11.38
CA THR B 47 12.61 1.42 -9.96
C THR B 47 13.92 0.81 -9.52
N ALA B 48 14.40 -0.19 -10.26
CA ALA B 48 15.67 -0.86 -9.94
C ALA B 48 16.85 0.11 -10.07
N ALA B 49 16.86 0.90 -11.15
CA ALA B 49 17.89 1.92 -11.35
C ALA B 49 17.92 2.93 -10.21
N ARG B 50 16.73 3.33 -9.77
CA ARG B 50 16.59 4.28 -8.69
C ARG B 50 17.15 3.70 -7.39
N GLU B 51 16.80 2.44 -7.08
CA GLU B 51 17.26 1.79 -5.85
C GLU B 51 18.78 1.70 -5.86
N CYS B 52 19.36 1.30 -7.00
CA CYS B 52 20.79 1.13 -7.16
C CYS B 52 21.56 2.47 -7.22
N GLY B 53 21.01 3.45 -7.93
CA GLY B 53 21.61 4.75 -8.05
C GLY B 53 21.76 5.45 -6.70
N LEU B 54 20.74 5.36 -5.85
CA LEU B 54 20.74 5.98 -4.53
C LEU B 54 21.67 5.29 -3.51
N GLN B 55 22.04 4.03 -3.79
CA GLN B 55 23.06 3.32 -2.99
C GLN B 55 24.46 3.80 -3.28
N GLY B 56 24.62 4.62 -4.33
CA GLY B 56 25.92 5.07 -4.76
C GLY B 56 26.57 4.13 -5.78
N TYR B 57 25.84 3.14 -6.27
CA TYR B 57 26.40 2.26 -7.30
C TYR B 57 26.49 3.04 -8.64
N ARG B 58 27.56 2.77 -9.38
CA ARG B 58 27.71 3.25 -10.73
C ARG B 58 26.72 2.43 -11.57
N THR B 59 25.64 3.09 -11.96
CA THR B 59 24.46 2.46 -12.52
C THR B 59 24.22 2.92 -13.92
N LEU B 60 24.03 1.95 -14.83
CA LEU B 60 23.58 2.19 -16.19
C LEU B 60 22.22 1.54 -16.44
N LEU B 61 21.34 2.26 -17.14
CA LEU B 61 20.10 1.68 -17.65
C LEU B 61 20.12 1.73 -19.19
N LEU B 62 19.92 0.56 -19.81
CA LEU B 62 19.79 0.42 -21.27
C LEU B 62 18.35 0.14 -21.71
N GLU B 63 17.88 0.95 -22.65
CA GLU B 63 16.53 0.84 -23.14
C GLU B 63 16.60 0.69 -24.63
N ALA B 64 15.91 -0.32 -25.13
CA ALA B 64 15.89 -0.67 -26.56
C ALA B 64 15.16 0.36 -27.39
N ARG B 65 14.01 0.83 -26.89
CA ARG B 65 13.19 1.78 -27.64
C ARG B 65 13.80 3.16 -27.52
N SER B 66 13.31 4.08 -28.36
CA SER B 66 13.70 5.50 -28.35
C SER B 66 12.87 6.32 -27.35
N ARG B 67 11.99 5.66 -26.60
CA ARG B 67 11.21 6.27 -25.53
C ARG B 67 11.26 5.40 -24.27
N LEU B 68 10.93 6.00 -23.13
CA LEU B 68 10.83 5.26 -21.85
C LEU B 68 9.40 4.82 -21.62
N GLY B 69 9.19 3.95 -20.60
CA GLY B 69 7.86 3.57 -20.13
C GLY B 69 7.48 2.12 -20.29
N GLY B 70 8.06 1.48 -21.31
CA GLY B 70 7.77 0.12 -21.65
C GLY B 70 6.32 -0.07 -22.04
N ARG B 71 5.60 -0.85 -21.23
CA ARG B 71 4.21 -1.13 -21.44
C ARG B 71 3.30 -0.06 -20.83
N THR B 72 3.90 1.06 -20.41
CA THR B 72 3.20 2.32 -20.21
C THR B 72 3.75 3.27 -21.27
N PHE B 73 2.87 4.11 -21.80
CA PHE B 73 3.23 5.05 -22.84
C PHE B 73 2.26 6.19 -22.84
N THR B 74 2.76 7.36 -22.40
CA THR B 74 2.02 8.61 -22.36
C THR B 74 2.16 9.29 -23.73
N SER B 75 1.03 9.57 -24.38
CA SER B 75 1.04 10.18 -25.70
C SER B 75 -0.09 11.20 -25.80
N ARG B 76 -0.51 11.50 -27.04
CA ARG B 76 -1.50 12.55 -27.32
C ARG B 76 -2.43 12.16 -28.46
N PHE B 77 -3.69 12.58 -28.36
CA PHE B 77 -4.73 12.29 -29.34
C PHE B 77 -5.86 13.28 -29.17
N ALA B 78 -6.36 13.81 -30.30
CA ALA B 78 -7.52 14.71 -30.30
C ALA B 78 -7.40 15.85 -29.29
N GLY B 79 -6.19 16.41 -29.15
CA GLY B 79 -5.91 17.53 -28.29
C GLY B 79 -5.70 17.23 -26.80
N GLN B 80 -5.53 15.95 -26.46
CA GLN B 80 -5.52 15.52 -25.07
C GLN B 80 -4.43 14.48 -24.80
N GLU B 81 -3.93 14.45 -23.57
CA GLU B 81 -3.00 13.43 -23.11
C GLU B 81 -3.75 12.10 -22.94
N ILE B 82 -3.16 11.02 -23.45
CA ILE B 82 -3.72 9.67 -23.38
C ILE B 82 -2.67 8.69 -22.92
N GLU B 83 -3.12 7.51 -22.51
CA GLU B 83 -2.22 6.45 -22.07
C GLU B 83 -2.48 5.22 -22.94
N PHE B 84 -1.45 4.77 -23.65
CA PHE B 84 -1.58 3.65 -24.58
C PHE B 84 -1.42 2.28 -23.89
N GLY B 85 -0.84 2.30 -22.70
CA GLY B 85 -0.59 1.09 -21.93
C GLY B 85 -1.11 1.23 -20.52
N GLY B 86 -0.34 0.69 -19.56
CA GLY B 86 -0.61 0.89 -18.15
C GLY B 86 -0.84 2.34 -17.80
N ALA B 87 -1.86 2.59 -16.97
CA ALA B 87 -2.26 3.95 -16.61
C ALA B 87 -2.76 4.13 -15.18
N TRP B 88 -3.30 3.06 -14.61
CA TRP B 88 -4.17 3.15 -13.45
C TRP B 88 -3.50 2.60 -12.20
N VAL B 89 -3.71 3.31 -11.09
CA VAL B 89 -3.10 3.05 -9.80
C VAL B 89 -4.16 3.21 -8.72
N HIS B 90 -3.79 2.81 -7.50
CA HIS B 90 -4.69 2.92 -6.36
C HIS B 90 -3.86 2.80 -5.11
N TRP B 91 -4.37 3.34 -4.00
CA TRP B 91 -3.71 3.28 -2.71
C TRP B 91 -3.68 1.90 -2.08
N LEU B 92 -4.50 0.98 -2.59
CA LEU B 92 -4.51 -0.41 -2.17
C LEU B 92 -3.40 -1.21 -2.88
N GLN B 93 -2.66 -0.53 -3.77
CA GLN B 93 -1.49 -1.09 -4.45
C GLN B 93 -0.26 -0.48 -3.79
N PRO B 94 0.39 -1.23 -2.86
CA PRO B 94 1.31 -0.61 -1.91
C PRO B 94 2.57 0.03 -2.50
N HIS B 95 3.19 -0.62 -3.49
CA HIS B 95 4.49 -0.19 -4.03
C HIS B 95 4.41 1.12 -4.83
N VAL B 96 3.50 1.20 -5.80
CA VAL B 96 3.32 2.41 -6.60
C VAL B 96 2.78 3.58 -5.78
N TRP B 97 1.86 3.30 -4.84
CA TRP B 97 1.31 4.38 -4.02
C TRP B 97 2.39 5.05 -3.14
N ALA B 98 3.30 4.25 -2.58
CA ALA B 98 4.44 4.79 -1.81
C ALA B 98 5.32 5.69 -2.69
N GLU B 99 5.56 5.25 -3.92
CA GLU B 99 6.33 6.04 -4.89
C GLU B 99 5.68 7.36 -5.22
N MET B 100 4.35 7.37 -5.30
CA MET B 100 3.58 8.56 -5.52
C MET B 100 3.67 9.53 -4.37
N GLN B 101 3.69 9.00 -3.14
CA GLN B 101 3.95 9.82 -1.97
C GLN B 101 5.38 10.41 -1.99
N ARG B 102 6.39 9.58 -2.30
CA ARG B 102 7.78 10.01 -2.40
C ARG B 102 7.95 11.19 -3.35
N TYR B 103 7.38 11.09 -4.55
CA TYR B 103 7.55 12.12 -5.56
C TYR B 103 6.42 13.17 -5.61
N GLY B 104 5.47 13.07 -4.68
CA GLY B 104 4.43 14.07 -4.51
C GLY B 104 3.40 14.13 -5.62
N LEU B 105 3.14 12.97 -6.24
CA LEU B 105 2.21 12.89 -7.35
C LEU B 105 0.79 12.53 -6.84
N GLY B 106 -0.20 13.33 -7.26
CA GLY B 106 -1.60 13.05 -7.02
C GLY B 106 -2.25 12.18 -8.10
N VAL B 107 -3.56 12.00 -7.99
CA VAL B 107 -4.35 11.20 -8.91
C VAL B 107 -5.25 12.07 -9.79
N VAL B 108 -5.65 11.52 -10.94
CA VAL B 108 -6.71 12.07 -11.77
C VAL B 108 -7.82 11.03 -11.87
N GLU B 109 -9.06 11.44 -11.58
CA GLU B 109 -10.20 10.52 -11.63
C GLU B 109 -10.75 10.46 -13.07
N ASP B 110 -10.78 9.25 -13.63
CA ASP B 110 -11.46 8.98 -14.89
C ASP B 110 -12.95 8.80 -14.64
N PRO B 111 -13.84 9.28 -15.54
CA PRO B 111 -15.27 9.31 -15.29
C PRO B 111 -15.95 7.94 -15.42
N LEU B 112 -15.76 7.09 -14.40
CA LEU B 112 -16.21 5.69 -14.42
C LEU B 112 -17.49 5.46 -13.60
N THR B 113 -17.91 6.47 -12.83
CA THR B 113 -19.11 6.39 -11.99
C THR B 113 -20.27 7.12 -12.67
N ASN B 114 -21.49 6.82 -12.25
CA ASN B 114 -22.72 7.41 -12.81
C ASN B 114 -22.78 7.36 -14.35
N LEU B 115 -22.67 6.15 -14.91
CA LEU B 115 -22.67 5.93 -16.37
C LEU B 115 -24.00 6.25 -17.02
N ASP B 116 -23.95 6.70 -18.28
CA ASP B 116 -25.13 7.06 -19.08
C ASP B 116 -25.65 5.88 -19.89
N LYS B 117 -24.71 5.08 -20.42
CA LYS B 117 -25.02 3.98 -21.35
C LYS B 117 -24.08 2.80 -21.08
N THR B 118 -24.64 1.60 -21.05
CA THR B 118 -23.91 0.37 -20.76
C THR B 118 -24.41 -0.73 -21.69
N LEU B 119 -23.48 -1.32 -22.45
CA LEU B 119 -23.79 -2.26 -23.53
C LEU B 119 -23.02 -3.55 -23.38
N ILE B 120 -23.61 -4.62 -23.93
CA ILE B 120 -22.91 -5.87 -24.10
C ILE B 120 -23.06 -6.29 -25.56
N MET B 121 -21.93 -6.63 -26.19
CA MET B 121 -21.92 -7.30 -27.48
C MET B 121 -21.57 -8.76 -27.24
N TYR B 122 -22.46 -9.65 -27.68
CA TYR B 122 -22.25 -11.10 -27.57
C TYR B 122 -21.34 -11.61 -28.70
N ASN B 123 -20.89 -12.86 -28.56
CA ASN B 123 -19.97 -13.50 -29.50
C ASN B 123 -20.39 -13.36 -30.98
N ASP B 124 -21.70 -13.46 -31.24
CA ASP B 124 -22.25 -13.40 -32.61
C ASP B 124 -22.40 -11.98 -33.18
N GLY B 125 -22.11 -10.96 -32.37
CA GLY B 125 -22.12 -9.58 -32.81
C GLY B 125 -23.34 -8.76 -32.41
N SER B 126 -24.34 -9.39 -31.81
CA SER B 126 -25.56 -8.69 -31.39
C SER B 126 -25.23 -7.79 -30.19
N VAL B 127 -25.78 -6.57 -30.22
CA VAL B 127 -25.57 -5.56 -29.17
C VAL B 127 -26.83 -5.42 -28.32
N GLU B 128 -26.65 -5.50 -27.00
CA GLU B 128 -27.77 -5.33 -26.07
C GLU B 128 -27.47 -4.19 -25.12
N SER B 129 -28.36 -3.19 -25.15
CA SER B 129 -28.35 -2.12 -24.19
C SER B 129 -28.99 -2.60 -22.89
N ILE B 130 -28.21 -2.54 -21.80
CA ILE B 130 -28.69 -2.82 -20.45
C ILE B 130 -28.72 -1.51 -19.66
N SER B 131 -29.71 -1.40 -18.76
CA SER B 131 -29.78 -0.29 -17.82
C SER B 131 -28.55 -0.34 -16.90
N PRO B 132 -27.80 0.78 -16.76
CA PRO B 132 -26.56 0.77 -15.97
C PRO B 132 -26.63 0.12 -14.58
N ASP B 133 -27.72 0.34 -13.83
CA ASP B 133 -27.94 -0.30 -12.53
C ASP B 133 -27.87 -1.83 -12.65
N GLU B 134 -28.66 -2.36 -13.60
CA GLU B 134 -28.76 -3.79 -13.84
C GLU B 134 -27.44 -4.36 -14.31
N PHE B 135 -26.79 -3.64 -15.22
CA PHE B 135 -25.45 -4.01 -15.73
C PHE B 135 -24.46 -4.21 -14.58
N GLY B 136 -24.43 -3.24 -13.66
CA GLY B 136 -23.53 -3.25 -12.52
C GLY B 136 -23.85 -4.41 -11.61
N LYS B 137 -25.14 -4.59 -11.30
CA LYS B 137 -25.62 -5.67 -10.44
C LYS B 137 -25.23 -7.05 -10.98
N ASN B 138 -25.32 -7.22 -12.30
CA ASN B 138 -25.03 -8.51 -12.94
C ASN B 138 -23.55 -8.89 -12.98
N ILE B 139 -22.68 -7.95 -13.31
CA ILE B 139 -21.25 -8.24 -13.31
C ILE B 139 -20.80 -8.51 -11.88
N ARG B 140 -21.37 -7.77 -10.93
CA ARG B 140 -21.13 -8.02 -9.53
C ARG B 140 -21.47 -9.45 -9.14
N ILE B 141 -22.69 -9.90 -9.44
CA ILE B 141 -23.11 -11.27 -9.10
C ILE B 141 -22.11 -12.29 -9.66
N ALA B 142 -21.72 -12.08 -10.92
CA ALA B 142 -20.86 -13.01 -11.65
C ALA B 142 -19.42 -13.02 -11.09
N PHE B 143 -18.92 -11.83 -10.74
CA PHE B 143 -17.56 -11.69 -10.24
C PHE B 143 -17.45 -12.25 -8.83
N GLU B 144 -18.43 -11.95 -7.96
CA GLU B 144 -18.45 -12.47 -6.59
C GLU B 144 -18.56 -14.01 -6.56
N LYS B 145 -19.28 -14.58 -7.53
CA LYS B 145 -19.36 -16.03 -7.70
C LYS B 145 -18.03 -16.63 -8.16
N LEU B 146 -17.42 -16.02 -9.18
CA LEU B 146 -16.12 -16.46 -9.67
C LEU B 146 -15.04 -16.46 -8.58
N CYS B 147 -15.01 -15.41 -7.76
CA CYS B 147 -14.00 -15.22 -6.72
C CYS B 147 -14.43 -15.55 -5.29
N HIS B 148 -15.42 -16.44 -5.16
CA HIS B 148 -16.08 -16.75 -3.89
C HIS B 148 -15.14 -17.24 -2.80
N ASP B 149 -14.07 -17.95 -3.21
CA ASP B 149 -13.15 -18.61 -2.30
C ASP B 149 -11.78 -17.89 -2.20
N ALA B 150 -11.72 -16.62 -2.61
CA ALA B 150 -10.46 -15.86 -2.64
C ALA B 150 -9.82 -15.73 -1.26
N TRP B 151 -10.66 -15.53 -0.24
CA TRP B 151 -10.24 -15.42 1.15
C TRP B 151 -9.54 -16.69 1.70
N GLU B 152 -10.08 -17.86 1.36
CA GLU B 152 -9.52 -19.14 1.81
C GLU B 152 -8.30 -19.59 0.99
N VAL B 153 -8.28 -19.23 -0.30
CA VAL B 153 -7.22 -19.65 -1.23
C VAL B 153 -6.01 -18.72 -1.13
N PHE B 154 -6.27 -17.43 -0.94
CA PHE B 154 -5.24 -16.42 -0.85
C PHE B 154 -5.43 -15.52 0.36
N PRO B 155 -5.23 -16.02 1.59
CA PRO B 155 -5.27 -15.17 2.78
C PRO B 155 -4.06 -14.24 2.88
N ARG B 156 -3.02 -14.55 2.10
CA ARG B 156 -1.80 -13.76 1.96
C ARG B 156 -1.48 -13.66 0.48
N PRO B 157 -2.14 -12.73 -0.25
CA PRO B 157 -2.01 -12.65 -1.71
C PRO B 157 -0.59 -12.37 -2.23
N HIS B 158 0.28 -11.82 -1.37
CA HIS B 158 1.64 -11.49 -1.72
C HIS B 158 2.57 -12.67 -1.42
N GLU B 159 2.00 -13.79 -0.97
CA GLU B 159 2.65 -15.09 -0.99
C GLU B 159 1.66 -16.07 -1.63
N PRO B 160 1.62 -16.10 -2.98
CA PRO B 160 0.57 -16.82 -3.71
C PRO B 160 0.46 -18.32 -3.42
N MET B 161 1.60 -18.97 -3.21
CA MET B 161 1.65 -20.40 -2.94
C MET B 161 1.72 -20.74 -1.44
N PHE B 162 1.19 -19.85 -0.58
CA PHE B 162 1.09 -20.09 0.87
C PHE B 162 0.24 -21.32 1.21
N THR B 163 -0.91 -21.45 0.53
CA THR B 163 -1.85 -22.56 0.73
C THR B 163 -1.74 -23.62 -0.38
N GLU B 164 -1.99 -24.88 0.00
CA GLU B 164 -2.01 -25.98 -0.97
C GLU B 164 -3.16 -25.82 -1.95
N ARG B 165 -4.29 -25.30 -1.46
CA ARG B 165 -5.46 -25.01 -2.30
C ARG B 165 -5.12 -24.14 -3.53
N ALA B 166 -4.25 -23.13 -3.33
CA ALA B 166 -3.80 -22.28 -4.43
C ALA B 166 -3.09 -23.10 -5.51
N ARG B 167 -2.28 -24.08 -5.08
CA ARG B 167 -1.58 -24.98 -5.97
C ARG B 167 -2.52 -25.88 -6.79
N GLU B 168 -3.46 -26.54 -6.13
CA GLU B 168 -4.39 -27.46 -6.81
C GLU B 168 -5.33 -26.73 -7.77
N LEU B 169 -5.68 -25.49 -7.43
CA LEU B 169 -6.53 -24.66 -8.30
C LEU B 169 -5.81 -24.24 -9.60
N ASP B 170 -4.48 -24.21 -9.56
CA ASP B 170 -3.65 -23.89 -10.71
C ASP B 170 -3.66 -24.96 -11.81
N LYS B 171 -4.35 -26.08 -11.53
CA LYS B 171 -4.67 -27.08 -12.55
C LYS B 171 -5.89 -26.69 -13.40
N SER B 172 -6.56 -25.59 -13.03
CA SER B 172 -7.80 -25.15 -13.67
C SER B 172 -7.64 -23.82 -14.41
N SER B 173 -8.38 -23.68 -15.51
CA SER B 173 -8.58 -22.40 -16.19
C SER B 173 -9.76 -21.67 -15.56
N VAL B 174 -9.87 -20.38 -15.88
CA VAL B 174 -10.98 -19.54 -15.49
C VAL B 174 -12.29 -20.06 -16.09
N LEU B 175 -12.24 -20.47 -17.36
CA LEU B 175 -13.42 -21.03 -18.06
C LEU B 175 -13.98 -22.28 -17.36
N ASP B 176 -13.11 -23.14 -16.83
CA ASP B 176 -13.53 -24.35 -16.07
C ASP B 176 -14.44 -23.96 -14.92
N ARG B 177 -14.10 -22.88 -14.21
CA ARG B 177 -14.90 -22.41 -13.10
C ARG B 177 -16.18 -21.74 -13.59
N ILE B 178 -16.02 -20.81 -14.53
CA ILE B 178 -17.14 -20.06 -15.09
C ILE B 178 -18.31 -20.98 -15.44
N LYS B 179 -17.99 -22.16 -15.99
CA LYS B 179 -18.99 -23.13 -16.45
C LYS B 179 -19.79 -23.79 -15.33
N THR B 180 -19.28 -23.73 -14.09
CA THR B 180 -19.89 -24.35 -12.93
C THR B 180 -20.74 -23.37 -12.12
N LEU B 181 -20.73 -22.09 -12.50
CA LEU B 181 -21.35 -21.04 -11.69
C LEU B 181 -22.87 -20.81 -11.87
N GLY B 182 -23.46 -21.43 -12.88
CA GLY B 182 -24.88 -21.27 -13.23
C GLY B 182 -25.28 -19.81 -13.45
N LEU B 183 -24.53 -19.10 -14.31
CA LEU B 183 -24.76 -17.69 -14.62
C LEU B 183 -25.83 -17.56 -15.69
N SER B 184 -26.53 -16.42 -15.70
CA SER B 184 -27.43 -16.06 -16.78
C SER B 184 -26.58 -15.76 -18.02
N ARG B 185 -27.23 -15.75 -19.19
CA ARG B 185 -26.59 -15.42 -20.47
C ARG B 185 -25.81 -14.10 -20.40
N LEU B 186 -26.45 -13.08 -19.82
CA LEU B 186 -25.87 -11.75 -19.64
C LEU B 186 -24.67 -11.82 -18.72
N GLN B 187 -24.87 -12.39 -17.53
CA GLN B 187 -23.80 -12.61 -16.55
C GLN B 187 -22.57 -13.29 -17.17
N GLN B 188 -22.81 -14.39 -17.91
CA GLN B 188 -21.70 -15.19 -18.42
C GLN B 188 -20.94 -14.45 -19.53
N ALA B 189 -21.66 -13.68 -20.36
CA ALA B 189 -21.03 -12.89 -21.41
C ALA B 189 -20.18 -11.76 -20.81
N GLN B 190 -20.70 -11.11 -19.76
CA GLN B 190 -19.99 -10.04 -19.06
C GLN B 190 -18.68 -10.52 -18.45
N ILE B 191 -18.76 -11.64 -17.72
CA ILE B 191 -17.62 -12.17 -17.00
C ILE B 191 -16.60 -12.78 -17.96
N ASN B 192 -17.08 -13.45 -19.01
CA ASN B 192 -16.18 -14.00 -19.99
C ASN B 192 -15.44 -12.90 -20.72
N SER B 193 -16.15 -11.82 -21.05
CA SER B 193 -15.54 -10.64 -21.64
C SER B 193 -14.43 -10.06 -20.73
N TYR B 194 -14.74 -9.90 -19.44
CA TYR B 194 -13.83 -9.37 -18.43
C TYR B 194 -12.57 -10.23 -18.35
N MET B 195 -12.78 -11.55 -18.30
CA MET B 195 -11.66 -12.47 -18.21
C MET B 195 -10.86 -12.59 -19.51
N ALA B 196 -11.55 -12.49 -20.66
CA ALA B 196 -10.86 -12.45 -21.94
C ALA B 196 -9.90 -11.28 -21.94
N LEU B 197 -10.37 -10.14 -21.43
CA LEU B 197 -9.56 -8.96 -21.37
C LEU B 197 -8.34 -9.18 -20.48
N TYR B 198 -8.56 -9.71 -19.27
CA TYR B 198 -7.45 -9.98 -18.35
C TYR B 198 -6.44 -10.97 -18.95
N ALA B 199 -6.93 -11.99 -19.66
CA ALA B 199 -6.08 -12.98 -20.31
C ALA B 199 -5.30 -12.45 -21.53
N GLY B 200 -5.86 -11.42 -22.18
CA GLY B 200 -5.51 -11.08 -23.54
C GLY B 200 -5.59 -12.29 -24.45
N GLU B 201 -6.66 -13.09 -24.26
CA GLU B 201 -6.78 -14.44 -24.82
C GLU B 201 -8.16 -15.03 -24.53
N THR B 202 -8.52 -16.14 -25.20
CA THR B 202 -9.73 -16.89 -24.86
C THR B 202 -9.57 -17.49 -23.46
N THR B 203 -10.69 -17.59 -22.73
CA THR B 203 -10.67 -17.88 -21.29
C THR B 203 -10.33 -19.33 -20.92
N ASP B 204 -10.42 -20.25 -21.88
CA ASP B 204 -9.95 -21.63 -21.73
C ASP B 204 -8.44 -21.76 -21.46
N LYS B 205 -7.66 -20.75 -21.86
CA LYS B 205 -6.19 -20.77 -21.67
C LYS B 205 -5.71 -20.06 -20.40
N PHE B 206 -6.61 -19.27 -19.81
CA PHE B 206 -6.29 -18.33 -18.75
C PHE B 206 -6.33 -19.02 -17.40
N GLY B 207 -5.24 -18.91 -16.64
CA GLY B 207 -5.12 -19.53 -15.33
C GLY B 207 -6.06 -18.92 -14.32
N LEU B 208 -6.69 -19.76 -13.51
CA LEU B 208 -7.70 -19.32 -12.54
C LEU B 208 -7.13 -18.61 -11.32
N PRO B 209 -6.04 -19.11 -10.70
CA PRO B 209 -5.48 -18.47 -9.49
C PRO B 209 -5.03 -17.02 -9.62
N GLY B 210 -4.42 -16.66 -10.75
CA GLY B 210 -3.97 -15.30 -11.01
C GLY B 210 -5.05 -14.25 -10.75
N VAL B 211 -6.26 -14.53 -11.25
CA VAL B 211 -7.42 -13.64 -11.11
C VAL B 211 -7.85 -13.53 -9.65
N LEU B 212 -7.96 -14.70 -8.99
CA LEU B 212 -8.33 -14.80 -7.59
C LEU B 212 -7.37 -14.00 -6.73
N LYS B 213 -6.07 -14.15 -7.02
CA LYS B 213 -5.02 -13.52 -6.26
C LYS B 213 -5.15 -12.01 -6.31
N LEU B 214 -5.42 -11.48 -7.51
CA LEU B 214 -5.58 -10.05 -7.73
C LEU B 214 -6.76 -9.51 -6.94
N PHE B 215 -7.90 -10.21 -7.03
CA PHE B 215 -9.08 -9.87 -6.27
C PHE B 215 -8.72 -9.86 -4.80
N ALA B 216 -7.90 -10.85 -4.39
CA ALA B 216 -7.42 -10.97 -3.01
C ALA B 216 -6.59 -9.76 -2.59
N CYS B 217 -5.71 -9.28 -3.48
CA CYS B 217 -4.89 -8.09 -3.23
C CYS B 217 -5.70 -6.84 -2.95
N GLY B 218 -6.91 -6.74 -3.50
CA GLY B 218 -7.77 -5.60 -3.27
C GLY B 218 -8.73 -5.81 -2.10
N GLY B 219 -8.26 -6.52 -1.07
CA GLY B 219 -9.03 -6.76 0.15
C GLY B 219 -10.21 -7.71 0.04
N TRP B 220 -10.13 -8.68 -0.88
CA TRP B 220 -11.14 -9.72 -1.05
C TRP B 220 -12.58 -9.17 -1.16
N ASN B 221 -12.72 -8.02 -1.81
CA ASN B 221 -13.96 -7.25 -1.77
C ASN B 221 -14.15 -6.65 -3.16
N TYR B 222 -15.35 -6.87 -3.71
CA TYR B 222 -15.70 -6.46 -5.06
C TYR B 222 -15.54 -4.95 -5.27
N ASP B 223 -16.17 -4.17 -4.39
CA ASP B 223 -16.15 -2.72 -4.47
C ASP B 223 -14.72 -2.20 -4.43
N ALA B 224 -13.93 -2.64 -3.44
CA ALA B 224 -12.53 -2.19 -3.30
C ALA B 224 -11.73 -2.54 -4.55
N PHE B 225 -11.84 -3.79 -5.00
CA PHE B 225 -11.09 -4.23 -6.17
C PHE B 225 -11.44 -3.46 -7.45
N MET B 226 -12.73 -3.22 -7.66
CA MET B 226 -13.23 -2.43 -8.79
C MET B 226 -12.72 -1.00 -8.80
N ASP B 227 -12.67 -0.38 -7.61
CA ASP B 227 -12.13 0.97 -7.47
C ASP B 227 -10.68 1.04 -7.96
N THR B 228 -9.95 -0.08 -7.91
CA THR B 228 -8.56 -0.12 -8.34
C THR B 228 -8.39 -0.26 -9.85
N GLU B 229 -9.45 -0.65 -10.56
CA GLU B 229 -9.36 -1.14 -11.95
C GLU B 229 -8.89 -0.10 -12.98
N THR B 230 -9.75 0.87 -13.29
CA THR B 230 -9.52 1.83 -14.35
C THR B 230 -10.06 3.20 -13.93
N HIS B 231 -9.94 3.50 -12.63
CA HIS B 231 -10.56 4.66 -11.99
C HIS B 231 -9.61 5.86 -11.82
N TYR B 232 -8.42 5.63 -11.27
CA TYR B 232 -7.46 6.69 -10.91
C TYR B 232 -6.18 6.57 -11.73
N ARG B 233 -5.84 7.66 -12.43
CA ARG B 233 -4.59 7.78 -13.15
C ARG B 233 -3.65 8.68 -12.36
N ILE B 234 -2.38 8.66 -12.76
CA ILE B 234 -1.34 9.47 -12.14
C ILE B 234 -1.36 10.85 -12.76
N GLN B 235 -1.52 11.87 -11.91
CA GLN B 235 -1.43 13.27 -12.33
C GLN B 235 -0.06 13.52 -12.93
N GLY B 236 -0.05 13.94 -14.20
CA GLY B 236 1.15 14.16 -14.98
C GLY B 236 1.55 13.00 -15.86
N GLY B 237 0.74 11.93 -15.87
CA GLY B 237 0.95 10.74 -16.67
C GLY B 237 1.98 9.79 -16.10
N THR B 238 1.96 8.54 -16.59
CA THR B 238 2.92 7.55 -16.15
C THR B 238 4.39 7.99 -16.37
N ILE B 239 4.63 8.72 -17.45
CA ILE B 239 5.98 9.16 -17.82
C ILE B 239 6.56 10.07 -16.74
N GLY B 240 5.70 10.87 -16.10
CA GLY B 240 6.10 11.71 -14.95
C GLY B 240 6.69 10.91 -13.79
N LEU B 241 6.15 9.73 -13.48
CA LEU B 241 6.68 8.94 -12.38
C LEU B 241 7.97 8.27 -12.78
N ILE B 242 8.03 7.77 -14.03
CA ILE B 242 9.23 7.19 -14.62
C ILE B 242 10.39 8.20 -14.55
N ASN B 243 10.19 9.39 -15.11
CA ASN B 243 11.20 10.45 -15.11
C ASN B 243 11.65 10.85 -13.70
N ALA B 244 10.68 10.97 -12.78
CA ALA B 244 10.97 11.28 -11.39
C ALA B 244 11.93 10.22 -10.78
N MET B 245 11.69 8.94 -11.05
CA MET B 245 12.61 7.90 -10.57
C MET B 245 14.00 7.97 -11.22
N LEU B 246 14.04 8.12 -12.55
CA LEU B 246 15.31 8.18 -13.27
C LEU B 246 16.11 9.42 -12.96
N THR B 247 15.43 10.57 -12.89
CA THR B 247 16.03 11.79 -12.38
C THR B 247 16.60 11.63 -10.94
N ASP B 248 15.82 11.04 -10.03
CA ASP B 248 16.25 10.80 -8.67
C ASP B 248 17.49 9.86 -8.64
N SER B 249 17.53 8.87 -9.54
CA SER B 249 18.49 7.77 -9.50
C SER B 249 19.97 8.14 -9.62
N GLY B 250 20.28 9.17 -10.42
CA GLY B 250 21.65 9.51 -10.78
C GLY B 250 22.25 8.55 -11.84
N ALA B 251 21.45 7.61 -12.36
CA ALA B 251 21.94 6.61 -13.28
C ALA B 251 22.10 7.18 -14.68
N GLU B 252 23.10 6.66 -15.41
CA GLU B 252 23.25 6.90 -16.82
C GLU B 252 22.12 6.12 -17.53
N VAL B 253 21.41 6.78 -18.46
CA VAL B 253 20.31 6.19 -19.23
C VAL B 253 20.68 6.27 -20.69
N ARG B 254 20.68 5.12 -21.37
CA ARG B 254 20.93 5.06 -22.82
C ARG B 254 19.68 4.61 -23.54
N MET B 255 19.25 5.38 -24.53
CA MET B 255 18.07 5.11 -25.34
C MET B 255 18.51 4.54 -26.67
N SER B 256 17.60 3.79 -27.30
CA SER B 256 17.81 3.08 -28.56
C SER B 256 19.04 2.15 -28.52
N VAL B 257 19.26 1.49 -27.37
CA VAL B 257 20.33 0.51 -27.24
C VAL B 257 19.76 -0.85 -26.83
N PRO B 258 19.31 -1.69 -27.80
CA PRO B 258 18.83 -3.03 -27.46
C PRO B 258 19.98 -3.91 -27.03
N VAL B 259 19.76 -4.72 -25.99
CA VAL B 259 20.70 -5.75 -25.56
C VAL B 259 20.39 -7.02 -26.33
N THR B 260 21.43 -7.66 -26.87
CA THR B 260 21.26 -8.90 -27.61
C THR B 260 21.87 -10.12 -26.90
N ALA B 261 22.72 -9.90 -25.88
CA ALA B 261 23.33 -11.01 -25.16
C ALA B 261 23.94 -10.60 -23.83
N VAL B 262 23.99 -11.58 -22.92
CA VAL B 262 24.62 -11.47 -21.61
C VAL B 262 25.45 -12.72 -21.41
N GLU B 263 26.72 -12.52 -21.08
CA GLU B 263 27.66 -13.58 -20.77
C GLU B 263 28.19 -13.34 -19.36
N GLN B 264 28.11 -14.37 -18.50
CA GLN B 264 28.67 -14.30 -17.16
C GLN B 264 30.13 -14.76 -17.21
N VAL B 265 31.04 -13.88 -16.77
CA VAL B 265 32.48 -14.12 -16.90
C VAL B 265 33.24 -13.11 -16.03
N ASN B 266 34.42 -13.53 -15.54
CA ASN B 266 35.33 -12.71 -14.69
C ASN B 266 34.68 -12.07 -13.43
N GLY B 267 33.77 -12.81 -12.78
CA GLY B 267 33.07 -12.34 -11.58
C GLY B 267 32.06 -11.23 -11.84
N GLY B 268 31.66 -11.05 -13.10
CA GLY B 268 30.63 -10.10 -13.47
C GLY B 268 29.94 -10.57 -14.73
N VAL B 269 29.51 -9.62 -15.55
CA VAL B 269 28.83 -9.92 -16.81
C VAL B 269 29.37 -9.05 -17.93
N LYS B 270 29.29 -9.57 -19.16
CA LYS B 270 29.54 -8.83 -20.39
C LYS B 270 28.20 -8.74 -21.09
N ILE B 271 27.77 -7.51 -21.39
CA ILE B 271 26.50 -7.24 -22.03
C ILE B 271 26.77 -6.79 -23.45
N LYS B 272 26.13 -7.48 -24.41
CA LYS B 272 26.27 -7.13 -25.83
C LYS B 272 25.05 -6.36 -26.31
N THR B 273 25.30 -5.24 -27.01
CA THR B 273 24.27 -4.39 -27.60
C THR B 273 24.09 -4.79 -29.08
N ASP B 274 23.04 -4.31 -29.75
CA ASP B 274 22.76 -4.69 -31.13
C ASP B 274 23.78 -4.13 -32.14
N ASP B 275 24.59 -3.15 -31.73
CA ASP B 275 25.73 -2.75 -32.54
C ASP B 275 27.06 -3.44 -32.16
N ASP B 276 26.97 -4.51 -31.35
CA ASP B 276 28.12 -5.33 -30.91
C ASP B 276 29.09 -4.59 -29.99
N GLU B 277 28.60 -3.60 -29.26
CA GLU B 277 29.37 -2.98 -28.19
C GLU B 277 29.27 -3.91 -26.97
N ILE B 278 30.37 -4.01 -26.23
CA ILE B 278 30.45 -4.78 -25.02
C ILE B 278 30.55 -3.82 -23.84
N ILE B 279 29.64 -3.97 -22.89
CA ILE B 279 29.68 -3.24 -21.64
C ILE B 279 29.81 -4.25 -20.52
N THR B 280 30.78 -4.04 -19.62
CA THR B 280 30.97 -4.90 -18.46
C THR B 280 30.35 -4.32 -17.19
N ALA B 281 29.91 -5.22 -16.31
CA ALA B 281 29.26 -4.83 -15.08
C ALA B 281 29.40 -5.95 -14.05
N GLY B 282 29.38 -5.56 -12.77
CA GLY B 282 29.37 -6.49 -11.66
C GLY B 282 28.10 -7.34 -11.64
N VAL B 283 26.95 -6.66 -11.86
CA VAL B 283 25.64 -7.32 -11.95
C VAL B 283 24.74 -6.71 -13.02
N VAL B 284 23.76 -7.50 -13.47
CA VAL B 284 22.78 -7.05 -14.45
C VAL B 284 21.39 -7.44 -13.96
N VAL B 285 20.45 -6.50 -14.07
CA VAL B 285 19.05 -6.70 -13.76
C VAL B 285 18.28 -6.73 -15.05
N MET B 286 17.76 -7.91 -15.42
CA MET B 286 16.88 -8.08 -16.55
C MET B 286 15.46 -7.73 -16.17
N THR B 287 14.86 -6.79 -16.89
CA THR B 287 13.49 -6.38 -16.66
C THR B 287 12.61 -6.46 -17.91
N VAL B 288 13.14 -7.07 -18.98
CA VAL B 288 12.47 -7.12 -20.26
C VAL B 288 11.26 -8.06 -20.14
N PRO B 289 10.20 -7.86 -20.97
CA PRO B 289 9.02 -8.71 -20.89
C PRO B 289 9.42 -10.13 -21.24
N LEU B 290 8.82 -11.08 -20.52
CA LEU B 290 9.08 -12.49 -20.65
C LEU B 290 9.04 -12.93 -22.09
N ASN B 291 8.07 -12.42 -22.87
CA ASN B 291 7.86 -12.81 -24.26
C ASN B 291 8.96 -12.36 -25.22
N THR B 292 9.87 -11.50 -24.74
CA THR B 292 10.99 -10.98 -25.52
C THR B 292 12.36 -11.60 -25.19
N TYR B 293 12.39 -12.57 -24.27
CA TYR B 293 13.63 -13.23 -23.87
C TYR B 293 14.32 -14.02 -25.00
N LYS B 294 13.55 -14.51 -25.96
CA LYS B 294 14.11 -15.27 -27.09
C LYS B 294 15.15 -14.48 -27.91
N HIS B 295 15.01 -13.14 -27.91
CA HIS B 295 15.96 -12.28 -28.62
C HIS B 295 17.27 -11.98 -27.88
N ILE B 296 17.47 -12.62 -26.72
CA ILE B 296 18.66 -12.43 -25.89
C ILE B 296 19.32 -13.78 -25.60
N GLY B 297 20.59 -13.91 -26.00
CA GLY B 297 21.40 -15.10 -25.73
C GLY B 297 22.05 -15.01 -24.36
N PHE B 298 22.07 -16.13 -23.62
CA PHE B 298 22.60 -16.15 -22.27
C PHE B 298 23.68 -17.20 -22.18
N THR B 299 24.81 -16.81 -21.56
CA THR B 299 25.92 -17.72 -21.34
C THR B 299 26.32 -17.59 -19.87
N PRO B 300 26.23 -18.66 -19.05
CA PRO B 300 25.70 -19.95 -19.51
C PRO B 300 24.19 -19.89 -19.66
N ALA B 301 23.60 -21.03 -20.05
CA ALA B 301 22.18 -21.14 -20.20
C ALA B 301 21.48 -20.81 -18.88
N LEU B 302 20.29 -20.22 -18.97
CA LEU B 302 19.44 -20.04 -17.81
C LEU B 302 18.92 -21.42 -17.36
N SER B 303 18.48 -21.52 -16.10
CA SER B 303 17.92 -22.75 -15.53
C SER B 303 16.78 -23.29 -16.37
N LYS B 304 16.54 -24.59 -16.22
CA LYS B 304 15.48 -25.28 -16.94
C LYS B 304 14.10 -24.74 -16.62
N GLY B 305 13.84 -24.47 -15.34
CA GLY B 305 12.60 -23.83 -14.91
C GLY B 305 12.36 -22.50 -15.63
N LYS B 306 13.44 -21.72 -15.79
CA LYS B 306 13.38 -20.42 -16.44
C LYS B 306 13.21 -20.57 -17.96
N GLN B 307 13.88 -21.57 -18.56
CA GLN B 307 13.76 -21.85 -19.99
C GLN B 307 12.34 -22.29 -20.38
N ARG B 308 11.68 -23.01 -19.47
CA ARG B 308 10.29 -23.38 -19.67
C ARG B 308 9.40 -22.14 -19.81
N PHE B 309 9.52 -21.22 -18.84
CA PHE B 309 8.78 -19.96 -18.89
C PHE B 309 9.02 -19.17 -20.17
N ILE B 310 10.29 -19.04 -20.55
CA ILE B 310 10.69 -18.34 -21.78
C ILE B 310 10.08 -18.95 -23.05
N LYS B 311 10.03 -20.28 -23.13
CA LYS B 311 9.44 -20.98 -24.27
C LYS B 311 7.87 -20.90 -24.31
N GLU B 312 7.24 -20.95 -23.14
CA GLU B 312 5.78 -20.76 -23.00
C GLU B 312 5.42 -19.30 -23.21
N GLY B 313 6.13 -18.43 -22.50
CA GLY B 313 5.81 -17.03 -22.43
C GLY B 313 4.55 -16.81 -21.61
N GLN B 314 3.93 -15.67 -21.90
CA GLN B 314 2.83 -15.06 -21.18
C GLN B 314 1.72 -14.91 -22.25
N LEU B 315 0.45 -15.08 -21.86
CA LEU B 315 -0.66 -15.17 -22.84
C LEU B 315 -0.98 -13.94 -23.71
N SER B 316 -0.93 -12.74 -23.13
CA SER B 316 -1.70 -11.62 -23.64
C SER B 316 -1.32 -11.14 -25.04
N LYS B 317 -2.33 -10.98 -25.90
CA LYS B 317 -2.13 -10.51 -27.27
C LYS B 317 -2.89 -9.20 -27.49
N GLY B 318 -2.99 -8.42 -26.40
CA GLY B 318 -3.78 -7.22 -26.37
C GLY B 318 -3.26 -6.09 -27.22
N ALA B 319 -4.17 -5.14 -27.49
CA ALA B 319 -3.91 -3.90 -28.18
C ALA B 319 -4.77 -2.79 -27.56
N LYS B 320 -4.40 -1.55 -27.86
CA LYS B 320 -5.08 -0.38 -27.33
C LYS B 320 -5.47 0.52 -28.50
N LEU B 321 -6.67 1.11 -28.40
CA LEU B 321 -7.30 1.89 -29.45
C LEU B 321 -8.06 3.05 -28.81
N TYR B 322 -7.89 4.25 -29.37
CA TYR B 322 -8.73 5.40 -29.05
C TYR B 322 -9.44 5.79 -30.32
N VAL B 323 -10.72 6.13 -30.18
CA VAL B 323 -11.55 6.60 -31.27
C VAL B 323 -12.18 7.92 -30.84
N HIS B 324 -12.08 8.93 -31.70
CA HIS B 324 -12.75 10.20 -31.50
C HIS B 324 -14.00 10.16 -32.38
N VAL B 325 -15.16 10.38 -31.78
CA VAL B 325 -16.41 10.46 -32.51
C VAL B 325 -17.07 11.82 -32.28
N LYS B 326 -17.72 12.33 -33.33
CA LYS B 326 -18.36 13.65 -33.32
C LYS B 326 -19.46 13.72 -32.28
N GLN B 327 -20.31 12.67 -32.24
CA GLN B 327 -21.45 12.62 -31.34
C GLN B 327 -20.98 12.63 -29.89
N ASN B 328 -21.76 13.28 -29.02
CA ASN B 328 -21.56 13.24 -27.57
C ASN B 328 -22.40 12.08 -27.01
N LEU B 329 -21.70 10.99 -26.65
CA LEU B 329 -22.30 9.77 -26.11
C LEU B 329 -22.23 9.74 -24.60
N GLY B 330 -21.77 10.84 -24.00
CA GLY B 330 -21.57 10.91 -22.57
C GLY B 330 -20.74 9.74 -22.05
N ARG B 331 -20.96 9.43 -20.77
CA ARG B 331 -20.25 8.39 -20.06
C ARG B 331 -20.76 6.98 -20.43
N VAL B 332 -19.99 6.25 -21.25
CA VAL B 332 -20.38 4.94 -21.74
C VAL B 332 -19.47 3.84 -21.21
N PHE B 333 -20.01 2.62 -21.19
CA PHE B 333 -19.23 1.43 -20.92
C PHE B 333 -19.77 0.26 -21.74
N ALA B 334 -18.87 -0.52 -22.34
CA ALA B 334 -19.26 -1.71 -23.08
C ALA B 334 -18.29 -2.86 -22.88
N PHE B 335 -18.86 -4.06 -22.76
CA PHE B 335 -18.17 -5.33 -22.92
C PHE B 335 -18.51 -5.87 -24.29
N ALA B 336 -17.52 -6.48 -24.95
CA ALA B 336 -17.74 -7.46 -26.02
C ALA B 336 -17.04 -8.77 -25.64
N ASP B 337 -17.70 -9.88 -25.93
CA ASP B 337 -17.20 -11.19 -25.60
C ASP B 337 -16.02 -11.49 -26.52
N GLU B 338 -15.28 -12.55 -26.19
CA GLU B 338 -13.94 -12.82 -26.74
C GLU B 338 -13.83 -12.99 -28.26
N GLN B 339 -14.94 -13.35 -28.92
CA GLN B 339 -14.93 -13.52 -30.37
C GLN B 339 -15.09 -12.18 -31.12
N GLN B 340 -15.34 -11.09 -30.39
CA GLN B 340 -15.46 -9.76 -30.98
C GLN B 340 -14.28 -8.89 -30.52
N PRO B 341 -13.90 -7.84 -31.29
CA PRO B 341 -12.71 -7.05 -30.98
C PRO B 341 -12.77 -6.01 -29.87
N LEU B 342 -13.87 -5.29 -29.74
CA LEU B 342 -13.94 -4.12 -28.85
C LEU B 342 -14.38 -4.49 -27.45
N ASN B 343 -13.52 -5.26 -26.75
CA ASN B 343 -13.88 -6.01 -25.54
C ASN B 343 -14.14 -5.18 -24.30
N TRP B 344 -13.43 -4.06 -24.17
CA TRP B 344 -13.57 -3.14 -23.06
C TRP B 344 -13.60 -1.73 -23.63
N VAL B 345 -14.79 -1.11 -23.63
CA VAL B 345 -14.99 0.29 -24.06
C VAL B 345 -15.43 1.21 -22.91
N GLN B 346 -14.77 2.37 -22.84
CA GLN B 346 -14.85 3.30 -21.72
C GLN B 346 -14.75 4.69 -22.32
N THR B 347 -15.33 5.69 -21.65
CA THR B 347 -15.21 7.08 -22.11
C THR B 347 -13.94 7.69 -21.51
N HIS B 348 -13.12 8.29 -22.37
CA HIS B 348 -11.97 9.10 -21.95
C HIS B 348 -12.41 10.54 -21.70
N ASP B 349 -13.17 11.11 -22.63
CA ASP B 349 -13.70 12.48 -22.48
C ASP B 349 -14.88 12.70 -23.39
N TYR B 350 -15.71 13.68 -23.02
CA TYR B 350 -16.92 14.01 -23.77
C TYR B 350 -17.32 15.45 -23.52
N SER B 351 -18.09 16.00 -24.46
CA SER B 351 -18.70 17.33 -24.40
C SER B 351 -19.30 17.56 -25.77
N ASP B 352 -20.14 18.60 -25.86
CA ASP B 352 -20.87 18.92 -27.08
C ASP B 352 -19.89 19.40 -28.16
N GLU B 353 -18.88 20.17 -27.75
CA GLU B 353 -17.83 20.69 -28.67
C GLU B 353 -16.90 19.56 -29.14
N LEU B 354 -16.42 18.76 -28.18
CA LEU B 354 -15.46 17.69 -28.44
C LEU B 354 -16.11 16.54 -29.18
N GLY B 355 -17.30 16.16 -28.72
CA GLY B 355 -17.90 14.89 -29.05
C GLY B 355 -17.46 13.94 -27.94
N THR B 356 -16.95 12.77 -28.31
CA THR B 356 -16.55 11.76 -27.33
C THR B 356 -15.27 11.08 -27.78
N ILE B 357 -14.31 10.94 -26.85
CA ILE B 357 -13.13 10.12 -27.08
C ILE B 357 -13.34 8.79 -26.36
N LEU B 358 -13.37 7.70 -27.12
CA LEU B 358 -13.53 6.35 -26.58
C LEU B 358 -12.17 5.69 -26.37
N SER B 359 -11.97 5.16 -25.17
CA SER B 359 -10.82 4.37 -24.81
C SER B 359 -11.18 2.90 -24.84
N ILE B 360 -10.56 2.18 -25.78
CA ILE B 360 -10.88 0.82 -26.08
C ILE B 360 -9.65 -0.08 -25.93
N THR B 361 -9.84 -1.15 -25.15
CA THR B 361 -8.84 -2.20 -25.00
C THR B 361 -9.31 -3.47 -25.70
N ILE B 362 -8.43 -4.03 -26.52
CA ILE B 362 -8.70 -5.19 -27.34
C ILE B 362 -7.91 -6.35 -26.75
N ALA B 363 -8.59 -7.45 -26.46
CA ALA B 363 -7.99 -8.65 -25.84
C ALA B 363 -6.98 -9.36 -26.75
N ARG B 364 -7.36 -9.50 -28.02
CA ARG B 364 -6.57 -10.24 -29.02
C ARG B 364 -6.44 -9.47 -30.29
N LYS B 365 -5.20 -9.04 -30.60
CA LYS B 365 -4.87 -8.32 -31.82
C LYS B 365 -5.46 -8.97 -33.08
N GLU B 366 -5.45 -10.31 -33.14
CA GLU B 366 -5.94 -11.04 -34.29
C GLU B 366 -7.42 -10.77 -34.65
N THR B 367 -8.22 -10.34 -33.67
CA THR B 367 -9.65 -10.05 -33.89
C THR B 367 -9.94 -8.76 -34.67
N ILE B 368 -8.92 -7.91 -34.85
CA ILE B 368 -9.11 -6.65 -35.56
C ILE B 368 -7.81 -6.05 -36.05
N ASP B 369 -7.78 -5.63 -37.32
CA ASP B 369 -6.63 -4.92 -37.87
C ASP B 369 -6.72 -3.48 -37.40
N VAL B 370 -5.99 -3.19 -36.31
CA VAL B 370 -6.11 -1.94 -35.59
C VAL B 370 -5.43 -0.77 -36.32
N ASN B 371 -4.63 -1.10 -37.34
CA ASN B 371 -3.97 -0.15 -38.21
C ASN B 371 -4.78 0.15 -39.47
N ASP B 372 -5.80 -0.68 -39.73
CA ASP B 372 -6.74 -0.48 -40.82
C ASP B 372 -7.96 0.30 -40.30
N ARG B 373 -8.07 1.56 -40.73
CA ARG B 373 -9.09 2.48 -40.21
C ARG B 373 -10.50 2.16 -40.69
N ASP B 374 -10.61 1.56 -41.88
CA ASP B 374 -11.90 1.11 -42.42
C ASP B 374 -12.48 -0.04 -41.57
N ALA B 375 -11.60 -0.88 -41.03
CA ALA B 375 -11.97 -2.00 -40.18
C ALA B 375 -12.37 -1.52 -38.79
N VAL B 376 -11.54 -0.65 -38.20
CA VAL B 376 -11.85 -0.04 -36.91
C VAL B 376 -13.18 0.70 -36.95
N THR B 377 -13.40 1.47 -38.02
CA THR B 377 -14.59 2.28 -38.19
C THR B 377 -15.86 1.40 -38.22
N ARG B 378 -15.81 0.32 -39.00
CA ARG B 378 -16.92 -0.63 -39.14
C ARG B 378 -17.24 -1.30 -37.80
N GLU B 379 -16.20 -1.67 -37.05
CA GLU B 379 -16.34 -2.28 -35.73
C GLU B 379 -16.97 -1.34 -34.70
N VAL B 380 -16.49 -0.09 -34.66
CA VAL B 380 -17.06 0.94 -33.82
C VAL B 380 -18.53 1.21 -34.17
N GLN B 381 -18.85 1.21 -35.47
CA GLN B 381 -20.20 1.43 -35.94
C GLN B 381 -21.15 0.25 -35.66
N LYS B 382 -20.57 -0.95 -35.56
CA LYS B 382 -21.32 -2.14 -35.14
C LYS B 382 -21.74 -2.00 -33.67
N MET B 383 -20.86 -1.44 -32.85
CA MET B 383 -21.10 -1.23 -31.43
C MET B 383 -22.08 -0.06 -31.21
N PHE B 384 -21.82 1.05 -31.92
CA PHE B 384 -22.60 2.28 -31.79
C PHE B 384 -23.08 2.73 -33.17
N PRO B 385 -24.20 2.18 -33.68
CA PRO B 385 -24.69 2.56 -35.00
C PRO B 385 -25.01 4.05 -35.11
N GLY B 386 -24.71 4.63 -36.28
CA GLY B 386 -24.95 6.04 -36.55
C GLY B 386 -23.89 6.99 -36.01
N VAL B 387 -22.76 6.45 -35.50
CA VAL B 387 -21.66 7.27 -35.04
C VAL B 387 -20.77 7.64 -36.22
N GLU B 388 -20.16 8.82 -36.13
CA GLU B 388 -19.23 9.34 -37.14
C GLU B 388 -17.84 9.38 -36.53
N VAL B 389 -16.90 8.63 -37.14
CA VAL B 389 -15.52 8.52 -36.65
C VAL B 389 -14.61 9.63 -37.19
N LEU B 390 -14.17 10.53 -36.30
CA LEU B 390 -13.32 11.67 -36.69
C LEU B 390 -11.81 11.35 -36.66
N GLY B 391 -11.42 10.36 -35.85
CA GLY B 391 -10.04 9.92 -35.81
C GLY B 391 -9.84 8.70 -34.94
N THR B 392 -8.69 8.05 -35.12
CA THR B 392 -8.28 6.87 -34.35
C THR B 392 -6.81 6.98 -34.00
N ALA B 393 -6.45 6.34 -32.90
CA ALA B 393 -5.06 6.16 -32.49
C ALA B 393 -4.95 4.80 -31.83
N ALA B 394 -3.96 4.00 -32.24
CA ALA B 394 -3.78 2.64 -31.75
C ALA B 394 -2.33 2.32 -31.42
N TYR B 395 -2.14 1.37 -30.50
CA TYR B 395 -0.85 0.77 -30.17
C TYR B 395 -1.01 -0.75 -30.11
N ASP B 396 -0.33 -1.44 -31.05
CA ASP B 396 -0.37 -2.89 -31.18
C ASP B 396 0.83 -3.46 -30.42
N TRP B 397 0.58 -3.86 -29.16
CA TRP B 397 1.62 -4.37 -28.25
C TRP B 397 2.19 -5.70 -28.69
N THR B 398 1.48 -6.42 -29.56
CA THR B 398 1.93 -7.73 -30.03
C THR B 398 2.90 -7.64 -31.19
N ALA B 399 2.79 -6.59 -32.01
CA ALA B 399 3.73 -6.36 -33.10
C ALA B 399 5.04 -5.70 -32.67
N ASP B 400 5.03 -5.04 -31.50
CA ASP B 400 6.22 -4.36 -30.97
C ASP B 400 7.26 -5.38 -30.50
N PRO B 401 8.44 -5.42 -31.15
CA PRO B 401 9.48 -6.39 -30.78
C PRO B 401 9.92 -6.30 -29.33
N PHE B 402 9.75 -5.14 -28.67
CA PHE B 402 10.19 -5.00 -27.29
C PHE B 402 9.08 -5.19 -26.24
N SER B 403 7.90 -5.65 -26.69
CA SER B 403 6.86 -6.20 -25.80
C SER B 403 6.36 -7.59 -26.22
N LEU B 404 6.05 -7.75 -27.51
CA LEU B 404 5.55 -8.98 -28.09
C LEU B 404 4.39 -9.59 -27.27
N GLY B 405 3.44 -8.72 -26.89
CA GLY B 405 2.37 -9.07 -25.99
C GLY B 405 2.06 -7.85 -25.18
N ALA B 406 1.01 -7.94 -24.34
CA ALA B 406 0.55 -6.86 -23.50
C ALA B 406 0.87 -7.16 -22.03
N TRP B 407 -0.05 -6.79 -21.12
CA TRP B 407 0.07 -7.03 -19.67
C TRP B 407 0.31 -8.52 -19.36
N ALA B 408 0.91 -8.80 -18.21
CA ALA B 408 1.14 -10.17 -17.72
C ALA B 408 -0.18 -10.92 -17.54
N ALA B 409 -0.27 -12.10 -18.15
CA ALA B 409 -1.42 -13.00 -18.03
C ALA B 409 -0.93 -14.44 -17.98
N TYR B 410 -1.09 -15.10 -16.82
CA TYR B 410 -0.60 -16.47 -16.66
C TYR B 410 -1.53 -17.51 -17.28
N GLY B 411 -0.94 -18.49 -17.99
CA GLY B 411 -1.61 -19.68 -18.46
C GLY B 411 -1.81 -20.66 -17.31
N VAL B 412 -2.51 -21.75 -17.60
CA VAL B 412 -2.75 -22.81 -16.62
C VAL B 412 -1.42 -23.38 -16.14
N GLY B 413 -1.22 -23.41 -14.83
CA GLY B 413 -0.04 -24.03 -14.23
C GLY B 413 1.19 -23.13 -14.11
N GLN B 414 1.10 -21.90 -14.59
CA GLN B 414 2.28 -21.03 -14.62
C GLN B 414 2.54 -20.38 -13.26
N LEU B 415 1.48 -19.87 -12.62
CA LEU B 415 1.61 -19.17 -11.34
C LEU B 415 2.34 -19.98 -10.28
N SER B 416 2.04 -21.28 -10.20
CA SER B 416 2.62 -22.15 -9.16
C SER B 416 4.09 -22.46 -9.38
N ARG B 417 4.61 -22.11 -10.56
CA ARG B 417 6.04 -22.26 -10.91
C ARG B 417 6.81 -20.95 -10.86
N LEU B 418 6.15 -19.87 -10.46
CA LEU B 418 6.67 -18.52 -10.66
C LEU B 418 8.02 -18.23 -10.02
N LYS B 419 8.39 -19.01 -8.99
CA LYS B 419 9.70 -18.90 -8.32
C LYS B 419 10.88 -19.15 -9.26
N ASP B 420 10.67 -20.01 -10.27
CA ASP B 420 11.67 -20.29 -11.31
C ASP B 420 12.02 -19.02 -12.08
N LEU B 421 11.01 -18.19 -12.30
CA LEU B 421 11.15 -16.93 -13.02
C LEU B 421 11.86 -15.85 -12.21
N GLN B 422 11.67 -15.90 -10.89
CA GLN B 422 12.15 -14.89 -9.97
C GLN B 422 13.59 -15.14 -9.53
N ALA B 423 14.04 -16.39 -9.61
CA ALA B 423 15.34 -16.81 -9.05
C ALA B 423 16.47 -16.14 -9.81
N ALA B 424 17.41 -15.57 -9.04
CA ALA B 424 18.63 -14.97 -9.59
CA THR B 435 7.86 -11.82 -11.89
C THR B 435 7.52 -11.40 -10.48
N SER B 436 6.55 -10.50 -10.38
CA SER B 436 6.11 -9.99 -9.10
C SER B 436 5.13 -10.95 -8.41
N ASN B 437 5.00 -10.80 -7.10
CA ASN B 437 4.11 -11.63 -6.30
C ASN B 437 2.68 -11.15 -6.21
N GLY B 438 2.50 -9.82 -6.22
CA GLY B 438 1.22 -9.21 -5.95
C GLY B 438 0.44 -8.86 -7.19
N TRP B 439 0.41 -7.55 -7.52
CA TRP B 439 -0.34 -7.03 -8.64
C TRP B 439 0.46 -7.20 -9.95
N HIS B 440 0.56 -8.44 -10.43
CA HIS B 440 1.40 -8.81 -11.56
C HIS B 440 0.96 -8.24 -12.92
N ALA B 441 -0.30 -7.79 -12.98
CA ALA B 441 -0.90 -7.23 -14.20
C ALA B 441 -0.91 -5.71 -14.16
N ASN B 442 -0.08 -5.13 -13.29
CA ASN B 442 -0.17 -3.73 -12.99
C ASN B 442 1.19 -3.09 -12.90
N ILE B 443 1.18 -1.75 -12.89
CA ILE B 443 2.34 -0.94 -12.66
C ILE B 443 2.93 -1.32 -11.30
N ASP B 444 2.05 -1.60 -10.33
CA ASP B 444 2.47 -1.84 -8.97
C ASP B 444 3.38 -3.02 -8.86
N GLY B 445 3.03 -4.09 -9.59
CA GLY B 445 3.84 -5.29 -9.70
C GLY B 445 5.23 -5.06 -10.29
N ALA B 446 5.32 -4.18 -11.29
CA ALA B 446 6.61 -3.83 -11.87
C ALA B 446 7.48 -3.16 -10.80
N VAL B 447 6.90 -2.19 -10.08
CA VAL B 447 7.58 -1.52 -8.99
C VAL B 447 8.08 -2.49 -7.91
N GLU B 448 7.18 -3.35 -7.43
CA GLU B 448 7.53 -4.41 -6.48
C GLU B 448 8.80 -5.14 -6.89
N SER B 449 8.82 -5.61 -8.14
CA SER B 449 9.93 -6.41 -8.65
C SER B 449 11.23 -5.63 -8.70
N GLY B 450 11.12 -4.33 -9.00
CA GLY B 450 12.27 -3.42 -9.00
C GLY B 450 12.86 -3.17 -7.63
N LEU B 451 12.01 -3.13 -6.60
CA LEU B 451 12.44 -2.98 -5.23
C LEU B 451 13.18 -4.26 -4.84
N ARG B 452 12.62 -5.42 -5.21
CA ARG B 452 13.25 -6.71 -4.91
C ARG B 452 14.65 -6.78 -5.55
N ALA B 453 14.72 -6.38 -6.82
CA ALA B 453 15.95 -6.40 -7.57
C ALA B 453 16.99 -5.49 -6.93
N GLY B 454 16.59 -4.29 -6.52
CA GLY B 454 17.48 -3.37 -5.81
C GLY B 454 18.09 -4.01 -4.58
N ARG B 455 17.27 -4.77 -3.84
CA ARG B 455 17.74 -5.47 -2.66
C ARG B 455 18.74 -6.60 -3.01
N GLU B 456 18.42 -7.38 -4.05
CA GLU B 456 19.27 -8.48 -4.51
C GLU B 456 20.62 -7.93 -5.01
N VAL B 457 20.58 -6.77 -5.67
CA VAL B 457 21.80 -6.13 -6.13
C VAL B 457 22.71 -5.79 -4.97
N LYS B 458 22.15 -5.17 -3.94
CA LYS B 458 22.89 -4.78 -2.75
C LYS B 458 23.58 -5.99 -2.11
N GLN B 459 22.84 -7.10 -2.02
CA GLN B 459 23.35 -8.33 -1.44
C GLN B 459 24.57 -8.85 -2.22
N LEU B 460 24.54 -8.75 -3.55
CA LEU B 460 25.63 -9.18 -4.42
C LEU B 460 26.84 -8.24 -4.41
N LEU B 461 26.57 -6.94 -4.30
CA LEU B 461 27.65 -5.92 -4.35
C LEU B 461 28.12 -5.60 -2.92
N SER B 462 27.39 -6.07 -1.91
CA SER B 462 27.80 -5.70 -0.54
C SER B 462 29.17 -6.29 -0.21
N LEU B 463 30.03 -5.40 0.25
CA LEU B 463 31.47 -5.54 0.54
C LEU B 463 31.83 -6.53 1.66
#